data_7O1I
#
_entry.id   7O1I
#
_cell.length_a   102.016
_cell.length_b   205.868
_cell.length_c   133.804
_cell.angle_alpha   90.000
_cell.angle_beta   90.000
_cell.angle_gamma   90.000
#
_symmetry.space_group_name_H-M   'C 2 2 21'
#
loop_
_entity.id
_entity.type
_entity.pdbx_description
1 polymer 'Putative acyltransferase Rv0859'
2 polymer '3-hydroxyacyl-CoA dehydrogenase'
3 non-polymer 'COENZYME A'
4 non-polymer GLYCEROL
5 non-polymer 'SULFATE ION'
6 water water
#
loop_
_entity_poly.entity_id
_entity_poly.type
_entity_poly.pdbx_seq_one_letter_code
_entity_poly.pdbx_strand_id
1 'polypeptide(L)'
;MSEEAFIYEAIRTPRGKQKNGSLHEVKPLSLVVGLIDELRKRHPDLDENLISDVILGCVSPVGDQGGDIARAAVLASGMP
VTSGGVQLNRF(CSO)ASGLEAVNTAAQKVRSGWDDLVLAGGVESMSRVPMGSDGGAMGLDPATNYDVMFVPQSIGADLI
ATIEGFSREDVDAYALRSQQKAAEAWSGGYFAKSVVPVRDQNGLLILDHDEHMRPDTTKEGLAKLKPAFEGLAALGGFDD
VALQKYHWVEKINHVHTGGNSSGIVDGAALVMIGSAAAGKLQGLTPRARIVATATSGADPVIMLTGPTPATRKVLDRAGL
TVDDIDLFELNEAFASVVLKFQKDLNIPDEKLNVNGGAIAMGHPLGATGAMILGTMVDELERRNARRALITLCIGGGMGV
ATIIERV
;
D
2 'polypeptide(L)'
;MGSSHHHHHHSQDPNSMPDNTIQWDKDADGIVTLTMDDPSGSTNVMNEAYIESMGKAVDRLVAEKDSITGVVVASAKKTF
FAGGDVKTMIQARPEDAGDVFNTVETIKRQLRTLETLGKPVVAAINGAALGGGLEIALACHHRIAADVKGSQLGLPAVTL
GLLPGGGGVTRTVRMFGIQNAFVSVLAQGTRFKPAKAKEIGLVDELVATVEELVPAAKAWIKEELKANPDGAGVQPWDKK
GYKMPGGTPSSPGLAAILPSFPSNLRKQLKGAPMPAPRAILAAAVEGAQVDFDTASRIESRYFASLVTGQVAKNMMQAFF
FDLQAINAGGSRPEGIGKTPIKRIGVLGAGMMGAGIAYVSAKAGYEVVLKDVSLEAAAKGKGYSEKLEAKALERGRTTQE
RSDALLARITPTADAADFKGVDFVIEAVFENQELKHKVFGEIEDIVEPNAILGSNTSTLPITGLATGVKRQEDFIGIHFF
SPVDKMPLVEIIKGEKTSDEALARVFDYTLAIGKTPIVVNDSRGFFTSRVIGTFVNEALAMLGEGVEPASIEQAGSQAGY
PAPPLQLSDELNLELMHKIAVATRKGVEDAGGTYQPHPAEAVVEKMIELGRSGRLKGAGFYEYADGKRSGLWPGLRETFK
SGSSQPPLQDMIDRMLFAEALETQKCLDEGVLTSTADANIGSIMGIGFPPWTGGSAQFIVGYSGPAGTGKAAFVARAREL
AAAYGDRFLPPESLLS
;
A
#
loop_
_chem_comp.id
_chem_comp.type
_chem_comp.name
_chem_comp.formula
COA non-polymer 'COENZYME A' 'C21 H36 N7 O16 P3 S'
GOL non-polymer GLYCEROL 'C3 H8 O3'
SO4 non-polymer 'SULFATE ION' 'O4 S -2'
#
# COMPACT_ATOMS: atom_id res chain seq x y z
N GLU A 3 35.65 -38.94 -0.48
CA GLU A 3 34.55 -38.82 0.47
C GLU A 3 34.61 -37.49 1.22
N GLU A 4 35.60 -37.34 2.09
CA GLU A 4 35.74 -36.11 2.86
C GLU A 4 36.25 -34.97 1.99
N ALA A 5 35.70 -33.78 2.23
CA ALA A 5 36.05 -32.59 1.47
C ALA A 5 37.06 -31.75 2.24
N PHE A 6 38.16 -31.39 1.58
CA PHE A 6 39.22 -30.60 2.18
C PHE A 6 39.45 -29.34 1.37
N ILE A 7 39.99 -28.32 2.04
CA ILE A 7 40.39 -27.08 1.40
C ILE A 7 41.90 -27.10 1.24
N TYR A 8 42.37 -26.94 0.02
CA TYR A 8 43.81 -26.93 -0.26
C TYR A 8 44.35 -25.52 -0.44
N GLU A 9 43.58 -24.63 -1.05
CA GLU A 9 43.98 -23.25 -1.24
C GLU A 9 42.78 -22.34 -1.08
N ALA A 10 43.03 -21.12 -0.59
CA ALA A 10 41.97 -20.13 -0.42
C ALA A 10 42.63 -18.76 -0.50
N ILE A 11 42.47 -18.08 -1.64
CA ILE A 11 43.08 -16.79 -1.87
C ILE A 11 41.99 -15.81 -2.31
N ARG A 12 42.34 -14.53 -2.31
CA ARG A 12 41.41 -13.48 -2.71
C ARG A 12 42.21 -12.27 -3.16
N THR A 13 41.54 -11.38 -3.86
CA THR A 13 42.11 -10.11 -4.28
C THR A 13 41.90 -9.06 -3.19
N PRO A 14 42.66 -7.97 -3.22
CA PRO A 14 42.29 -6.81 -2.41
C PRO A 14 40.98 -6.22 -2.91
N ARG A 15 40.27 -5.54 -2.01
CA ARG A 15 38.96 -4.99 -2.31
C ARG A 15 39.10 -3.51 -2.63
N GLY A 16 38.78 -3.15 -3.88
CA GLY A 16 38.85 -1.77 -4.31
C GLY A 16 37.49 -1.09 -4.13
N LYS A 17 37.54 0.16 -3.65
CA LYS A 17 36.32 0.84 -3.25
C LYS A 17 35.55 1.31 -4.49
N GLN A 18 34.34 1.82 -4.24
CA GLN A 18 33.41 2.15 -5.31
C GLN A 18 33.79 3.45 -6.01
N LYS A 19 33.86 4.54 -5.26
CA LYS A 19 34.14 5.86 -5.82
C LYS A 19 35.66 6.01 -6.01
N ASN A 20 36.08 6.24 -7.26
CA ASN A 20 37.48 6.38 -7.62
C ASN A 20 38.29 5.19 -7.14
N GLY A 21 37.77 3.99 -7.41
CA GLY A 21 38.45 2.78 -6.99
C GLY A 21 39.51 2.34 -7.98
N SER A 22 40.52 1.65 -7.47
CA SER A 22 41.60 1.18 -8.32
C SER A 22 41.15 0.04 -9.23
N LEU A 23 40.24 -0.81 -8.76
CA LEU A 23 39.79 -1.95 -9.55
C LEU A 23 38.70 -1.60 -10.55
N HIS A 24 38.30 -0.33 -10.64
CA HIS A 24 37.24 0.06 -11.57
C HIS A 24 37.64 -0.20 -13.02
N GLU A 25 38.93 -0.04 -13.34
CA GLU A 25 39.42 -0.27 -14.70
C GLU A 25 39.63 -1.75 -15.01
N VAL A 26 39.42 -2.63 -14.04
CA VAL A 26 39.65 -4.07 -14.22
C VAL A 26 38.31 -4.75 -14.43
N LYS A 27 38.13 -5.36 -15.60
CA LYS A 27 36.92 -6.13 -15.85
C LYS A 27 36.88 -7.34 -14.91
N PRO A 28 35.69 -7.73 -14.44
CA PRO A 28 35.62 -8.79 -13.41
C PRO A 28 36.14 -10.13 -13.90
N LEU A 29 36.15 -10.39 -15.21
CA LEU A 29 36.79 -11.60 -15.71
C LEU A 29 38.28 -11.60 -15.44
N SER A 30 38.91 -10.42 -15.50
CA SER A 30 40.35 -10.33 -15.21
C SER A 30 40.64 -10.64 -13.74
N LEU A 31 39.73 -10.31 -12.84
CA LEU A 31 39.96 -10.57 -11.42
C LEU A 31 40.05 -12.06 -11.14
N VAL A 32 39.25 -12.86 -11.84
CA VAL A 32 39.25 -14.30 -11.58
C VAL A 32 40.45 -14.99 -12.20
N VAL A 33 40.80 -14.63 -13.44
CA VAL A 33 41.92 -15.28 -14.10
C VAL A 33 43.23 -14.94 -13.39
N GLY A 34 43.33 -13.72 -12.85
CA GLY A 34 44.50 -13.38 -12.05
C GLY A 34 44.65 -14.26 -10.83
N LEU A 35 43.53 -14.67 -10.23
CA LEU A 35 43.59 -15.61 -9.11
C LEU A 35 43.95 -17.01 -9.58
N ILE A 36 43.41 -17.43 -10.73
CA ILE A 36 43.80 -18.71 -11.31
C ILE A 36 45.29 -18.74 -11.60
N ASP A 37 45.82 -17.63 -12.13
CA ASP A 37 47.25 -17.54 -12.38
C ASP A 37 48.05 -17.71 -11.10
N GLU A 38 47.56 -17.17 -9.99
CA GLU A 38 48.28 -17.30 -8.72
C GLU A 38 48.26 -18.74 -8.23
N LEU A 39 47.11 -19.42 -8.35
CA LEU A 39 47.06 -20.83 -7.97
C LEU A 39 47.97 -21.68 -8.84
N ARG A 40 48.18 -21.27 -10.09
CA ARG A 40 49.07 -22.01 -10.98
C ARG A 40 50.53 -21.74 -10.65
N LYS A 41 50.85 -20.56 -10.11
CA LYS A 41 52.22 -20.29 -9.69
C LYS A 41 52.60 -21.09 -8.45
N ARG A 42 51.62 -21.43 -7.61
CA ARG A 42 51.91 -22.17 -6.39
C ARG A 42 52.10 -23.65 -6.65
N HIS A 43 51.38 -24.22 -7.61
CA HIS A 43 51.48 -25.63 -7.98
C HIS A 43 51.58 -25.73 -9.49
N PRO A 44 52.75 -25.46 -10.06
CA PRO A 44 52.88 -25.56 -11.53
C PRO A 44 52.77 -26.97 -12.06
N ASP A 45 53.00 -27.98 -11.22
CA ASP A 45 52.94 -29.38 -11.66
C ASP A 45 51.57 -30.00 -11.46
N LEU A 46 50.56 -29.22 -11.09
CA LEU A 46 49.22 -29.75 -10.90
C LEU A 46 48.59 -30.06 -12.25
N ASP A 47 48.17 -31.31 -12.44
CA ASP A 47 47.48 -31.70 -13.65
C ASP A 47 46.06 -31.13 -13.60
N GLU A 48 45.86 -30.00 -14.28
CA GLU A 48 44.58 -29.30 -14.21
C GLU A 48 43.43 -30.06 -14.85
N ASN A 49 43.71 -31.19 -15.52
CA ASN A 49 42.64 -31.99 -16.09
C ASN A 49 41.81 -32.70 -15.02
N LEU A 50 42.35 -32.87 -13.82
CA LEU A 50 41.58 -33.45 -12.72
C LEU A 50 40.60 -32.47 -12.10
N ILE A 51 40.70 -31.18 -12.44
CA ILE A 51 39.75 -30.19 -11.95
C ILE A 51 38.41 -30.43 -12.63
N SER A 52 37.42 -30.88 -11.85
CA SER A 52 36.14 -31.30 -12.42
C SER A 52 35.27 -30.11 -12.79
N ASP A 53 35.18 -29.10 -11.94
CA ASP A 53 34.28 -27.99 -12.17
C ASP A 53 34.84 -26.72 -11.55
N VAL A 54 34.30 -25.59 -11.97
CA VAL A 54 34.65 -24.27 -11.44
C VAL A 54 33.34 -23.55 -11.12
N ILE A 55 33.04 -23.38 -9.84
CA ILE A 55 31.79 -22.82 -9.38
C ILE A 55 32.06 -21.41 -8.87
N LEU A 56 31.44 -20.41 -9.52
CA LEU A 56 31.62 -19.01 -9.15
C LEU A 56 30.28 -18.41 -8.80
N GLY A 57 30.15 -17.90 -7.57
CA GLY A 57 28.96 -17.16 -7.19
C GLY A 57 29.02 -15.72 -7.70
N CYS A 58 27.88 -15.23 -8.16
CA CYS A 58 27.79 -13.88 -8.68
C CYS A 58 26.35 -13.40 -8.54
N VAL A 59 26.17 -12.23 -7.93
CA VAL A 59 24.83 -11.76 -7.59
C VAL A 59 24.21 -10.95 -8.73
N SER A 60 25.01 -10.22 -9.50
CA SER A 60 24.53 -9.46 -10.66
C SER A 60 25.19 -10.00 -11.92
N PRO A 61 24.80 -11.19 -12.37
CA PRO A 61 25.44 -11.77 -13.57
C PRO A 61 24.91 -11.15 -14.86
N VAL A 62 25.26 -9.89 -15.08
CA VAL A 62 24.86 -9.16 -16.28
C VAL A 62 26.07 -8.39 -16.81
N GLY A 63 26.01 -8.06 -18.09
CA GLY A 63 27.07 -7.27 -18.71
C GLY A 63 28.41 -7.98 -18.61
N ASP A 64 29.34 -7.36 -17.89
CA ASP A 64 30.66 -7.94 -17.73
C ASP A 64 30.64 -9.25 -16.95
N GLN A 65 29.55 -9.53 -16.23
CA GLN A 65 29.45 -10.73 -15.40
C GLN A 65 28.43 -11.74 -15.91
N GLY A 66 27.89 -11.53 -17.11
CA GLY A 66 26.93 -12.46 -17.67
C GLY A 66 27.59 -13.62 -18.41
N GLY A 67 26.74 -14.44 -19.02
CA GLY A 67 27.22 -15.52 -19.88
C GLY A 67 28.08 -16.54 -19.17
N ASP A 68 27.71 -16.95 -17.96
CA ASP A 68 28.46 -17.91 -17.16
C ASP A 68 29.94 -17.49 -17.07
N ILE A 69 30.19 -16.49 -16.23
CA ILE A 69 31.54 -15.94 -16.14
C ILE A 69 32.51 -16.99 -15.62
N ALA A 70 32.01 -17.98 -14.88
CA ALA A 70 32.86 -19.08 -14.45
C ALA A 70 33.45 -19.83 -15.63
N ARG A 71 32.62 -20.04 -16.67
CA ARG A 71 33.12 -20.70 -17.88
C ARG A 71 34.07 -19.78 -18.65
N ALA A 72 33.80 -18.47 -18.65
CA ALA A 72 34.72 -17.54 -19.29
C ALA A 72 36.10 -17.57 -18.64
N ALA A 73 36.13 -17.68 -17.31
CA ALA A 73 37.41 -17.75 -16.61
C ALA A 73 38.16 -19.03 -16.96
N VAL A 74 37.44 -20.15 -17.08
CA VAL A 74 38.09 -21.42 -17.42
C VAL A 74 38.76 -21.33 -18.78
N LEU A 75 38.10 -20.67 -19.74
CA LEU A 75 38.66 -20.59 -21.08
C LEU A 75 39.68 -19.47 -21.24
N ALA A 76 39.49 -18.36 -20.52
CA ALA A 76 40.44 -17.26 -20.64
C ALA A 76 41.76 -17.55 -19.92
N SER A 77 41.71 -18.40 -18.89
CA SER A 77 42.91 -18.74 -18.11
C SER A 77 43.68 -19.91 -18.71
N GLY A 78 43.30 -20.39 -19.89
CA GLY A 78 44.00 -21.51 -20.47
C GLY A 78 43.83 -22.81 -19.73
N MET A 79 42.79 -22.92 -18.89
CA MET A 79 42.52 -24.18 -18.20
C MET A 79 42.00 -25.22 -19.18
N PRO A 80 42.13 -26.51 -18.83
CA PRO A 80 41.59 -27.55 -19.69
C PRO A 80 40.10 -27.38 -19.92
N VAL A 81 39.65 -27.77 -21.12
CA VAL A 81 38.27 -27.54 -21.53
C VAL A 81 37.31 -28.44 -20.75
N THR A 82 37.80 -29.52 -20.15
CA THR A 82 36.97 -30.42 -19.34
C THR A 82 36.70 -29.87 -17.94
N SER A 83 37.11 -28.65 -17.64
CA SER A 83 36.98 -28.10 -16.30
C SER A 83 35.60 -27.49 -16.03
N GLY A 84 34.69 -27.53 -16.99
CA GLY A 84 33.33 -27.06 -16.72
C GLY A 84 33.28 -25.57 -16.45
N GLY A 85 32.49 -25.20 -15.44
CA GLY A 85 32.25 -23.81 -15.11
C GLY A 85 30.78 -23.49 -15.00
N VAL A 86 30.36 -22.89 -13.87
CA VAL A 86 28.95 -22.61 -13.63
C VAL A 86 28.85 -21.42 -12.69
N GLN A 87 27.93 -20.51 -13.01
CA GLN A 87 27.63 -19.36 -12.18
C GLN A 87 26.40 -19.65 -11.33
N LEU A 88 26.43 -19.24 -10.07
CA LEU A 88 25.27 -19.36 -9.19
C LEU A 88 25.02 -18.03 -8.50
N ASN A 89 23.78 -17.88 -8.01
CA ASN A 89 23.36 -16.66 -7.32
C ASN A 89 22.44 -17.05 -6.17
N ARG A 90 22.98 -17.00 -4.95
CA ARG A 90 22.14 -17.02 -3.76
C ARG A 90 22.39 -15.74 -2.98
N PHE A 91 22.31 -14.60 -3.68
CA PHE A 91 22.61 -13.30 -3.11
C PHE A 91 23.99 -13.29 -2.44
N CSO A 92 24.15 -12.52 -1.37
CA CSO A 92 25.47 -12.32 -0.78
CB CSO A 92 25.44 -11.12 0.18
SG CSO A 92 23.74 -10.58 0.50
C CSO A 92 26.05 -13.55 -0.08
O CSO A 92 27.11 -13.46 0.53
OD CSO A 92 23.69 -9.29 1.73
N ALA A 93 25.38 -14.69 -0.18
CA ALA A 93 25.96 -15.94 0.29
C ALA A 93 26.46 -16.79 -0.88
N SER A 94 26.44 -16.20 -2.07
CA SER A 94 26.84 -16.92 -3.28
C SER A 94 28.27 -17.45 -3.17
N GLY A 95 29.15 -16.67 -2.54
CA GLY A 95 30.52 -17.12 -2.37
C GLY A 95 30.63 -18.37 -1.51
N LEU A 96 29.91 -18.41 -0.40
CA LEU A 96 29.96 -19.58 0.46
C LEU A 96 29.11 -20.72 -0.09
N GLU A 97 28.03 -20.41 -0.80
CA GLU A 97 27.24 -21.46 -1.42
C GLU A 97 28.04 -22.21 -2.47
N ALA A 98 28.91 -21.49 -3.19
CA ALA A 98 29.78 -22.14 -4.16
C ALA A 98 30.74 -23.11 -3.48
N VAL A 99 31.29 -22.71 -2.32
CA VAL A 99 32.20 -23.60 -1.60
C VAL A 99 31.44 -24.79 -1.03
N ASN A 100 30.25 -24.55 -0.46
CA ASN A 100 29.45 -25.65 0.06
C ASN A 100 29.06 -26.62 -1.06
N THR A 101 28.62 -26.08 -2.19
CA THR A 101 28.30 -26.93 -3.34
C THR A 101 29.53 -27.70 -3.81
N ALA A 102 30.69 -27.04 -3.83
CA ALA A 102 31.93 -27.72 -4.19
C ALA A 102 32.24 -28.83 -3.20
N ALA A 103 32.08 -28.57 -1.89
CA ALA A 103 32.30 -29.60 -0.89
C ALA A 103 31.28 -30.73 -1.03
N GLN A 104 30.03 -30.39 -1.36
CA GLN A 104 29.03 -31.42 -1.56
C GLN A 104 29.26 -32.20 -2.84
N LYS A 105 29.78 -31.52 -3.89
CA LYS A 105 30.16 -32.23 -5.11
C LYS A 105 31.31 -33.19 -4.85
N VAL A 106 32.31 -32.74 -4.09
CA VAL A 106 33.42 -33.62 -3.72
C VAL A 106 32.91 -34.78 -2.86
N ARG A 107 31.98 -34.49 -1.95
CA ARG A 107 31.51 -35.51 -1.01
C ARG A 107 30.68 -36.58 -1.71
N SER A 108 30.05 -36.24 -2.83
CA SER A 108 29.25 -37.22 -3.57
C SER A 108 30.11 -38.27 -4.26
N GLY A 109 31.40 -38.00 -4.44
CA GLY A 109 32.29 -38.92 -5.12
C GLY A 109 32.32 -38.79 -6.63
N TRP A 110 31.38 -38.08 -7.22
CA TRP A 110 31.33 -37.88 -8.67
C TRP A 110 32.21 -36.73 -9.14
N ASP A 111 32.88 -36.04 -8.22
CA ASP A 111 33.83 -34.99 -8.54
C ASP A 111 35.02 -35.12 -7.60
N ASP A 112 36.22 -34.85 -8.12
CA ASP A 112 37.46 -35.02 -7.36
C ASP A 112 38.07 -33.71 -6.90
N LEU A 113 38.26 -32.75 -7.81
CA LEU A 113 38.91 -31.49 -7.50
C LEU A 113 38.07 -30.36 -8.08
N VAL A 114 37.53 -29.52 -7.20
CA VAL A 114 36.61 -28.46 -7.60
C VAL A 114 37.22 -27.11 -7.22
N LEU A 115 36.94 -26.10 -8.04
CA LEU A 115 37.41 -24.74 -7.82
C LEU A 115 36.20 -23.86 -7.56
N ALA A 116 36.01 -23.48 -6.30
CA ALA A 116 34.89 -22.64 -5.90
C ALA A 116 35.36 -21.23 -5.58
N GLY A 117 34.43 -20.28 -5.66
CA GLY A 117 34.76 -18.91 -5.36
C GLY A 117 33.63 -17.98 -5.75
N GLY A 118 33.99 -16.72 -5.99
CA GLY A 118 33.02 -15.72 -6.39
C GLY A 118 33.73 -14.50 -6.94
N VAL A 119 32.93 -13.61 -7.53
CA VAL A 119 33.45 -12.39 -8.14
C VAL A 119 32.33 -11.37 -8.21
N GLU A 120 32.65 -10.12 -7.88
CA GLU A 120 31.69 -9.04 -7.97
C GLU A 120 32.46 -7.76 -8.26
N SER A 121 32.00 -7.01 -9.25
CA SER A 121 32.56 -5.72 -9.63
C SER A 121 31.45 -4.68 -9.51
N MET A 122 31.14 -4.29 -8.27
CA MET A 122 30.01 -3.41 -8.01
C MET A 122 30.22 -2.00 -8.56
N SER A 123 31.46 -1.59 -8.79
CA SER A 123 31.69 -0.30 -9.44
C SER A 123 31.36 -0.37 -10.92
N ARG A 124 31.45 -1.55 -11.52
CA ARG A 124 31.12 -1.75 -12.92
C ARG A 124 29.71 -2.29 -13.12
N VAL A 125 29.31 -3.27 -12.32
CA VAL A 125 27.96 -3.85 -12.35
C VAL A 125 27.26 -3.49 -11.04
N PRO A 126 26.48 -2.41 -11.01
CA PRO A 126 25.86 -1.96 -9.76
C PRO A 126 24.87 -2.99 -9.20
N MET A 127 24.46 -2.75 -7.96
CA MET A 127 23.46 -3.60 -7.31
C MET A 127 22.13 -3.53 -8.04
N GLY A 128 21.46 -4.68 -8.14
CA GLY A 128 20.15 -4.71 -8.77
C GLY A 128 20.17 -4.49 -10.26
N SER A 129 21.33 -4.62 -10.90
CA SER A 129 21.39 -4.48 -12.35
C SER A 129 20.66 -5.62 -13.05
N ASP A 130 20.54 -6.77 -12.40
CA ASP A 130 19.86 -7.93 -12.97
C ASP A 130 18.34 -7.86 -12.83
N GLY A 131 17.81 -6.82 -12.19
CA GLY A 131 16.38 -6.77 -11.96
C GLY A 131 15.96 -7.76 -10.88
N GLY A 132 14.75 -8.32 -11.06
CA GLY A 132 14.22 -9.26 -10.10
C GLY A 132 12.73 -9.09 -9.88
N ALA A 133 12.02 -10.20 -9.67
CA ALA A 133 10.58 -10.12 -9.49
C ALA A 133 10.21 -9.60 -8.11
N MET A 134 11.01 -9.95 -7.09
CA MET A 134 10.72 -9.51 -5.74
C MET A 134 10.67 -7.99 -5.62
N GLY A 135 11.46 -7.29 -6.41
CA GLY A 135 11.51 -5.84 -6.35
C GLY A 135 10.72 -5.16 -7.44
N LEU A 136 10.75 -5.70 -8.66
CA LEU A 136 10.18 -5.01 -9.80
C LEU A 136 8.79 -5.51 -10.20
N ASP A 137 8.37 -6.69 -9.75
CA ASP A 137 7.03 -7.20 -10.06
C ASP A 137 6.09 -6.82 -8.93
N PRO A 138 5.10 -5.95 -9.16
CA PRO A 138 4.26 -5.49 -8.04
C PRO A 138 3.54 -6.60 -7.29
N ALA A 139 2.91 -7.53 -8.00
CA ALA A 139 2.19 -8.61 -7.35
C ALA A 139 3.11 -9.42 -6.44
N THR A 140 4.35 -9.67 -6.88
CA THR A 140 5.30 -10.37 -6.03
C THR A 140 5.79 -9.49 -4.90
N ASN A 141 6.06 -8.22 -5.20
CA ASN A 141 6.54 -7.28 -4.18
C ASN A 141 5.47 -7.05 -3.13
N TYR A 142 4.23 -6.78 -3.57
CA TYR A 142 3.15 -6.44 -2.64
C TYR A 142 2.82 -7.62 -1.72
N ASP A 143 2.97 -8.85 -2.21
CA ASP A 143 2.55 -10.01 -1.42
C ASP A 143 3.60 -10.42 -0.40
N VAL A 144 4.88 -10.48 -0.80
CA VAL A 144 5.93 -10.87 0.13
C VAL A 144 6.35 -9.73 1.05
N MET A 145 5.80 -8.53 0.86
CA MET A 145 6.15 -7.35 1.65
C MET A 145 7.67 -7.11 1.63
N PHE A 146 8.13 -6.74 0.43
CA PHE A 146 9.55 -6.50 0.21
C PHE A 146 9.97 -5.17 0.82
N VAL A 147 11.00 -5.21 1.65
CA VAL A 147 11.67 -4.00 2.13
C VAL A 147 13.17 -4.19 1.93
N PRO A 148 13.93 -3.12 1.67
CA PRO A 148 15.38 -3.29 1.47
C PRO A 148 16.06 -3.80 2.72
N GLN A 149 17.26 -4.34 2.54
CA GLN A 149 17.99 -4.93 3.65
C GLN A 149 18.37 -3.91 4.71
N SER A 150 18.57 -2.66 4.30
CA SER A 150 18.91 -1.61 5.27
C SER A 150 17.74 -1.32 6.19
N ILE A 151 16.50 -1.43 5.69
CA ILE A 151 15.34 -1.22 6.55
C ILE A 151 15.24 -2.32 7.59
N GLY A 152 15.53 -3.57 7.19
CA GLY A 152 15.54 -4.66 8.15
C GLY A 152 16.65 -4.54 9.18
N ALA A 153 17.76 -3.91 8.79
CA ALA A 153 18.86 -3.72 9.74
C ALA A 153 18.46 -2.74 10.84
N ASP A 154 17.89 -1.60 10.47
CA ASP A 154 17.41 -0.65 11.47
C ASP A 154 16.30 -1.26 12.32
N LEU A 155 15.47 -2.12 11.73
CA LEU A 155 14.42 -2.79 12.51
C LEU A 155 15.01 -3.76 13.51
N ILE A 156 16.10 -4.44 13.14
CA ILE A 156 16.78 -5.33 14.07
C ILE A 156 17.27 -4.56 15.30
N ALA A 157 17.95 -3.44 15.06
CA ALA A 157 18.44 -2.63 16.18
C ALA A 157 17.30 -2.06 16.99
N THR A 158 16.16 -1.76 16.36
CA THR A 158 15.00 -1.26 17.09
C THR A 158 14.42 -2.34 17.99
N ILE A 159 14.29 -3.57 17.48
CA ILE A 159 13.71 -4.66 18.27
C ILE A 159 14.65 -5.05 19.40
N GLU A 160 15.95 -5.12 19.12
CA GLU A 160 16.93 -5.58 20.11
C GLU A 160 17.44 -4.47 21.01
N GLY A 161 17.07 -3.22 20.75
CA GLY A 161 17.52 -2.11 21.57
C GLY A 161 18.92 -1.62 21.27
N PHE A 162 19.50 -2.00 20.14
CA PHE A 162 20.81 -1.51 19.75
C PHE A 162 20.71 -0.04 19.36
N SER A 163 21.40 0.82 20.11
CA SER A 163 21.37 2.25 19.87
C SER A 163 22.39 2.64 18.79
N ARG A 164 22.40 3.92 18.44
CA ARG A 164 23.36 4.42 17.46
C ARG A 164 24.79 4.25 17.96
N GLU A 165 25.03 4.52 19.25
CA GLU A 165 26.35 4.32 19.82
C GLU A 165 26.75 2.85 19.81
N ASP A 166 25.78 1.95 19.95
CA ASP A 166 26.09 0.53 20.00
C ASP A 166 26.61 0.02 18.66
N VAL A 167 25.98 0.43 17.56
CA VAL A 167 26.42 -0.03 16.25
C VAL A 167 27.68 0.70 15.80
N ASP A 168 27.83 1.98 16.17
CA ASP A 168 29.07 2.69 15.85
C ASP A 168 30.24 2.17 16.67
N ALA A 169 29.97 1.60 17.86
CA ALA A 169 31.05 0.99 18.63
C ALA A 169 31.58 -0.26 17.94
N TYR A 170 30.72 -1.02 17.26
CA TYR A 170 31.19 -2.18 16.53
C TYR A 170 31.91 -1.78 15.24
N ALA A 171 31.39 -0.74 14.56
CA ALA A 171 32.05 -0.25 13.36
C ALA A 171 33.48 0.19 13.65
N LEU A 172 33.68 0.88 14.77
CA LEU A 172 35.02 1.24 15.19
C LEU A 172 35.86 -0.01 15.44
N ARG A 173 35.29 -1.00 16.11
CA ARG A 173 36.03 -2.23 16.39
C ARG A 173 36.43 -2.95 15.11
N SER A 174 35.56 -2.91 14.09
CA SER A 174 35.88 -3.58 12.83
C SER A 174 37.03 -2.88 12.12
N GLN A 175 37.04 -1.54 12.12
CA GLN A 175 38.15 -0.81 11.52
C GLN A 175 39.45 -1.13 12.23
N GLN A 176 39.41 -1.25 13.56
CA GLN A 176 40.64 -1.50 14.32
C GLN A 176 41.19 -2.88 14.04
N LYS A 177 40.35 -3.92 14.15
CA LYS A 177 40.85 -5.28 13.95
C LYS A 177 41.27 -5.53 12.52
N ALA A 178 40.63 -4.88 11.56
CA ALA A 178 41.07 -4.99 10.17
C ALA A 178 42.40 -4.30 9.97
N ALA A 179 42.62 -3.16 10.63
CA ALA A 179 43.91 -2.50 10.54
C ALA A 179 44.99 -3.30 11.23
N GLU A 180 44.68 -3.87 12.40
CA GLU A 180 45.64 -4.73 13.09
C GLU A 180 45.95 -5.98 12.27
N ALA A 181 44.97 -6.51 11.56
CA ALA A 181 45.21 -7.68 10.73
C ALA A 181 46.15 -7.36 9.57
N TRP A 182 45.95 -6.20 8.93
CA TRP A 182 46.86 -5.78 7.86
C TRP A 182 48.22 -5.39 8.43
N SER A 183 48.24 -4.77 9.62
CA SER A 183 49.50 -4.35 10.23
C SER A 183 50.36 -5.55 10.60
N GLY A 184 49.76 -6.58 11.18
CA GLY A 184 50.48 -7.77 11.56
C GLY A 184 50.79 -8.72 10.42
N GLY A 185 50.37 -8.38 9.21
CA GLY A 185 50.63 -9.25 8.06
C GLY A 185 49.82 -10.52 8.05
N TYR A 186 48.62 -10.51 8.66
CA TYR A 186 47.78 -11.70 8.65
C TYR A 186 47.30 -12.04 7.25
N PHE A 187 47.21 -11.04 6.37
CA PHE A 187 46.68 -11.20 5.03
C PHE A 187 47.77 -11.29 3.97
N ALA A 188 49.03 -11.43 4.39
CA ALA A 188 50.14 -11.34 3.43
C ALA A 188 50.13 -12.50 2.45
N LYS A 189 49.73 -13.70 2.90
CA LYS A 189 49.83 -14.89 2.07
C LYS A 189 48.57 -15.18 1.27
N SER A 190 47.42 -14.60 1.64
CA SER A 190 46.16 -14.94 1.01
C SER A 190 45.58 -13.83 0.15
N VAL A 191 46.11 -12.62 0.22
CA VAL A 191 45.64 -11.50 -0.60
C VAL A 191 46.60 -11.35 -1.77
N VAL A 192 46.12 -11.67 -2.97
CA VAL A 192 46.93 -11.62 -4.18
C VAL A 192 46.74 -10.25 -4.82
N PRO A 193 47.76 -9.40 -4.86
CA PRO A 193 47.58 -8.07 -5.45
C PRO A 193 47.24 -8.14 -6.92
N VAL A 194 46.39 -7.23 -7.36
CA VAL A 194 45.92 -7.18 -8.75
C VAL A 194 46.93 -6.39 -9.58
N ARG A 195 47.29 -6.93 -10.74
CA ARG A 195 48.21 -6.29 -11.66
C ARG A 195 47.62 -6.31 -13.07
N ASP A 196 48.16 -5.46 -13.93
CA ASP A 196 47.70 -5.38 -15.31
C ASP A 196 48.44 -6.42 -16.15
N GLN A 197 48.27 -6.35 -17.48
CA GLN A 197 48.94 -7.31 -18.35
C GLN A 197 50.45 -7.05 -18.44
N ASN A 198 50.91 -5.86 -18.05
CA ASN A 198 52.32 -5.53 -18.05
C ASN A 198 53.02 -5.89 -16.73
N GLY A 199 52.29 -6.45 -15.78
CA GLY A 199 52.83 -6.71 -14.46
C GLY A 199 52.89 -5.49 -13.55
N LEU A 200 52.37 -4.35 -13.99
CA LEU A 200 52.34 -3.16 -13.16
C LEU A 200 51.24 -3.28 -12.10
N LEU A 201 51.51 -2.74 -10.91
CA LEU A 201 50.57 -2.86 -9.81
C LEU A 201 49.34 -1.99 -10.05
N ILE A 202 48.17 -2.53 -9.71
CA ILE A 202 46.93 -1.79 -9.72
C ILE A 202 46.40 -1.57 -8.30
N LEU A 203 46.36 -2.64 -7.51
CA LEU A 203 45.89 -2.57 -6.13
C LEU A 203 46.52 -3.69 -5.34
N ASP A 204 46.99 -3.37 -4.12
CA ASP A 204 47.65 -4.35 -3.27
C ASP A 204 47.09 -4.38 -1.85
N HIS A 205 46.03 -3.64 -1.58
CA HIS A 205 45.48 -3.57 -0.23
C HIS A 205 44.00 -3.20 -0.30
N ASP A 206 43.31 -3.41 0.81
CA ASP A 206 41.88 -3.09 0.90
C ASP A 206 41.73 -1.59 1.11
N GLU A 207 41.50 -0.86 0.01
CA GLU A 207 41.52 0.60 0.06
C GLU A 207 40.25 1.20 0.67
N HIS A 208 39.21 0.40 0.92
CA HIS A 208 38.02 0.94 1.57
C HIS A 208 38.23 1.20 3.06
N MET A 209 39.28 0.63 3.64
CA MET A 209 39.51 0.79 5.08
C MET A 209 39.82 2.23 5.43
N ARG A 210 39.32 2.66 6.59
CA ARG A 210 39.62 3.95 7.17
C ARG A 210 40.21 3.69 8.56
N PRO A 211 41.52 3.39 8.63
CA PRO A 211 42.10 3.01 9.93
C PRO A 211 42.09 4.11 10.96
N ASP A 212 41.98 5.37 10.54
CA ASP A 212 42.01 6.51 11.46
C ASP A 212 40.61 6.99 11.85
N THR A 213 39.64 6.07 11.91
CA THR A 213 38.28 6.44 12.29
C THR A 213 38.17 6.57 13.81
N THR A 214 37.50 7.63 14.25
CA THR A 214 37.28 7.90 15.66
C THR A 214 35.82 7.66 16.01
N LYS A 215 35.59 7.39 17.30
CA LYS A 215 34.21 7.22 17.78
C LYS A 215 33.41 8.49 17.59
N GLU A 216 34.04 9.65 17.73
CA GLU A 216 33.34 10.92 17.52
C GLU A 216 33.09 11.16 16.03
N GLY A 217 33.96 10.64 15.16
CA GLY A 217 33.75 10.82 13.73
C GLY A 217 32.59 10.01 13.19
N LEU A 218 32.33 8.84 13.78
CA LEU A 218 31.19 8.04 13.35
C LEU A 218 29.87 8.67 13.79
N ALA A 219 29.86 9.29 14.98
CA ALA A 219 28.64 9.91 15.48
C ALA A 219 28.21 11.11 14.65
N LYS A 220 29.12 11.69 13.86
CA LYS A 220 28.78 12.84 13.02
C LYS A 220 28.14 12.42 11.71
N LEU A 221 28.14 11.13 11.38
CA LEU A 221 27.55 10.68 10.13
C LEU A 221 26.03 10.67 10.23
N LYS A 222 25.38 10.81 9.08
CA LYS A 222 23.93 10.82 8.99
C LYS A 222 23.41 9.44 8.63
N PRO A 223 22.21 9.07 9.09
CA PRO A 223 21.58 7.83 8.62
C PRO A 223 21.35 7.87 7.12
N ALA A 224 22.05 7.02 6.38
CA ALA A 224 21.99 7.09 4.93
C ALA A 224 20.68 6.56 4.36
N PHE A 225 19.90 5.83 5.15
CA PHE A 225 18.67 5.20 4.66
C PHE A 225 17.42 5.89 5.21
N GLU A 226 17.54 7.16 5.60
CA GLU A 226 16.37 7.90 6.08
C GLU A 226 15.52 8.40 4.92
N GLY A 227 16.15 8.78 3.81
CA GLY A 227 15.41 9.20 2.63
C GLY A 227 14.87 8.05 1.81
N LEU A 228 15.45 6.86 1.94
CA LEU A 228 14.93 5.69 1.25
C LEU A 228 13.63 5.21 1.88
N ALA A 229 13.55 5.25 3.21
CA ALA A 229 12.36 4.76 3.91
C ALA A 229 11.21 5.75 3.84
N ALA A 230 11.49 7.05 3.82
CA ALA A 230 10.42 8.05 3.78
C ALA A 230 9.78 8.15 2.41
N LEU A 231 10.61 8.16 1.35
CA LEU A 231 10.07 8.25 -0.01
C LEU A 231 9.47 6.92 -0.47
N GLY A 232 10.15 5.81 -0.17
CA GLY A 232 9.67 4.51 -0.62
C GLY A 232 8.54 3.93 0.20
N GLY A 233 8.31 4.45 1.41
CA GLY A 233 7.29 3.89 2.26
C GLY A 233 7.61 2.53 2.83
N PHE A 234 8.89 2.13 2.82
CA PHE A 234 9.27 0.81 3.32
C PHE A 234 9.21 0.73 4.84
N ASP A 235 9.25 1.86 5.54
CA ASP A 235 9.09 1.83 6.99
C ASP A 235 7.72 1.33 7.38
N ASP A 236 6.67 1.82 6.71
CA ASP A 236 5.32 1.40 7.04
C ASP A 236 5.08 -0.06 6.69
N VAL A 237 5.68 -0.54 5.60
CA VAL A 237 5.53 -1.93 5.21
C VAL A 237 6.13 -2.85 6.27
N ALA A 238 7.31 -2.50 6.77
CA ALA A 238 7.97 -3.32 7.79
C ALA A 238 7.18 -3.33 9.10
N LEU A 239 6.51 -2.23 9.43
CA LEU A 239 5.74 -2.17 10.67
C LEU A 239 4.37 -2.81 10.57
N GLN A 240 3.93 -3.19 9.36
CA GLN A 240 2.70 -3.96 9.25
C GLN A 240 2.93 -5.42 9.62
N LYS A 241 4.09 -5.96 9.23
CA LYS A 241 4.46 -7.30 9.66
C LYS A 241 4.84 -7.32 11.14
N TYR A 242 5.67 -6.36 11.56
CA TYR A 242 6.07 -6.22 12.96
C TYR A 242 5.20 -5.15 13.61
N HIS A 243 3.95 -5.53 13.88
CA HIS A 243 2.96 -4.56 14.32
C HIS A 243 3.24 -4.03 15.72
N TRP A 244 3.87 -4.84 16.58
CA TRP A 244 4.12 -4.40 17.95
C TRP A 244 5.21 -3.33 18.03
N VAL A 245 6.02 -3.17 17.00
CA VAL A 245 7.02 -2.11 16.97
C VAL A 245 6.36 -0.82 16.51
N GLU A 246 6.61 0.28 17.22
CA GLU A 246 5.95 1.54 16.96
C GLU A 246 6.67 2.37 15.91
N LYS A 247 7.98 2.53 16.04
CA LYS A 247 8.76 3.37 15.14
C LYS A 247 10.11 2.71 14.88
N ILE A 248 10.64 2.95 13.69
CA ILE A 248 11.95 2.43 13.30
C ILE A 248 13.03 3.41 13.74
N ASN A 249 14.06 2.88 14.41
CA ASN A 249 15.22 3.67 14.82
C ASN A 249 16.29 3.52 13.76
N HIS A 250 16.52 4.57 12.98
CA HIS A 250 17.47 4.52 11.88
C HIS A 250 18.87 4.78 12.43
N VAL A 251 19.64 3.71 12.58
CA VAL A 251 20.96 3.78 13.22
C VAL A 251 22.10 3.48 12.27
N HIS A 252 21.84 2.98 11.07
CA HIS A 252 22.93 2.59 10.18
C HIS A 252 23.28 3.71 9.23
N THR A 253 24.58 3.90 9.03
CA THR A 253 25.10 4.96 8.18
C THR A 253 26.21 4.41 7.28
N GLY A 254 26.97 5.30 6.64
CA GLY A 254 28.08 4.85 5.83
C GLY A 254 29.22 4.23 6.63
N GLY A 255 29.33 4.57 7.90
CA GLY A 255 30.43 4.11 8.73
C GLY A 255 30.21 2.77 9.38
N ASN A 256 28.95 2.38 9.60
CA ASN A 256 28.62 1.13 10.27
C ASN A 256 27.92 0.14 9.36
N SER A 257 27.91 0.37 8.05
CA SER A 257 27.38 -0.56 7.06
C SER A 257 28.51 -1.03 6.15
N SER A 258 28.29 -2.17 5.50
CA SER A 258 29.30 -2.72 4.61
C SER A 258 29.55 -1.80 3.43
N GLY A 259 30.79 -1.78 2.96
CA GLY A 259 31.17 -0.93 1.85
C GLY A 259 30.91 -1.60 0.52
N ILE A 260 30.61 -0.77 -0.48
CA ILE A 260 30.44 -1.22 -1.86
C ILE A 260 31.82 -1.26 -2.50
N VAL A 261 32.35 -2.45 -2.75
CA VAL A 261 33.69 -2.63 -3.27
C VAL A 261 33.70 -3.67 -4.38
N ASP A 262 34.81 -3.73 -5.11
CA ASP A 262 35.08 -4.76 -6.09
C ASP A 262 36.06 -5.78 -5.52
N GLY A 263 35.94 -7.02 -5.98
CA GLY A 263 36.84 -8.06 -5.52
C GLY A 263 36.43 -9.42 -6.06
N ALA A 264 37.33 -10.38 -5.85
CA ALA A 264 37.10 -11.75 -6.25
C ALA A 264 37.89 -12.67 -5.34
N ALA A 265 37.37 -13.87 -5.13
CA ALA A 265 38.01 -14.89 -4.31
C ALA A 265 37.95 -16.23 -5.03
N LEU A 266 38.81 -17.14 -4.61
CA LEU A 266 38.89 -18.46 -5.23
C LEU A 266 39.36 -19.47 -4.20
N VAL A 267 38.67 -20.60 -4.13
CA VAL A 267 38.98 -21.68 -3.19
C VAL A 267 39.09 -22.98 -3.98
N MET A 268 40.10 -23.78 -3.64
CA MET A 268 40.30 -25.10 -4.25
C MET A 268 39.89 -26.16 -3.23
N ILE A 269 38.82 -26.89 -3.55
CA ILE A 269 38.32 -27.96 -2.69
C ILE A 269 38.51 -29.28 -3.43
N GLY A 270 39.00 -30.29 -2.72
CA GLY A 270 39.18 -31.60 -3.30
C GLY A 270 39.04 -32.68 -2.25
N SER A 271 39.03 -33.93 -2.71
CA SER A 271 38.97 -35.06 -1.80
C SER A 271 40.35 -35.37 -1.24
N ALA A 272 40.39 -36.27 -0.26
CA ALA A 272 41.66 -36.68 0.31
C ALA A 272 42.51 -37.42 -0.70
N ALA A 273 41.89 -38.21 -1.59
CA ALA A 273 42.64 -38.92 -2.61
C ALA A 273 43.20 -37.97 -3.65
N ALA A 274 42.46 -36.91 -3.99
CA ALA A 274 42.93 -35.96 -4.99
C ALA A 274 44.17 -35.20 -4.52
N GLY A 275 44.26 -34.93 -3.23
CA GLY A 275 45.42 -34.19 -2.72
C GLY A 275 46.69 -35.01 -2.74
N LYS A 276 46.62 -36.25 -2.27
CA LYS A 276 47.81 -37.10 -2.24
C LYS A 276 48.31 -37.41 -3.64
N LEU A 277 47.41 -37.49 -4.62
CA LEU A 277 47.83 -37.74 -6.00
C LEU A 277 48.47 -36.51 -6.64
N GLN A 278 48.24 -35.32 -6.07
CA GLN A 278 48.78 -34.08 -6.62
C GLN A 278 49.86 -33.46 -5.74
N GLY A 279 50.24 -34.11 -4.64
CA GLY A 279 51.20 -33.53 -3.73
C GLY A 279 50.71 -32.31 -2.99
N LEU A 280 49.39 -32.17 -2.83
CA LEU A 280 48.81 -31.03 -2.15
C LEU A 280 48.62 -31.34 -0.67
N THR A 281 48.93 -30.35 0.17
CA THR A 281 48.71 -30.53 1.61
C THR A 281 47.39 -29.88 2.01
N PRO A 282 46.51 -30.60 2.70
CA PRO A 282 45.23 -30.01 3.08
C PRO A 282 45.40 -29.01 4.20
N ARG A 283 44.68 -27.88 4.07
CA ARG A 283 44.71 -26.82 5.07
C ARG A 283 43.57 -26.92 6.07
N ALA A 284 42.37 -27.28 5.60
CA ALA A 284 41.22 -27.44 6.49
C ALA A 284 40.28 -28.47 5.88
N ARG A 285 39.28 -28.88 6.67
CA ARG A 285 38.30 -29.86 6.24
C ARG A 285 36.90 -29.30 6.42
N ILE A 286 36.08 -29.36 5.37
CA ILE A 286 34.68 -28.95 5.46
C ILE A 286 33.96 -29.99 6.33
N VAL A 287 33.50 -29.56 7.51
CA VAL A 287 32.84 -30.50 8.42
C VAL A 287 31.36 -30.65 8.07
N ALA A 288 30.65 -29.53 7.93
CA ALA A 288 29.22 -29.58 7.66
C ALA A 288 28.77 -28.25 7.07
N THR A 289 27.72 -28.32 6.27
CA THR A 289 27.06 -27.14 5.72
C THR A 289 25.57 -27.22 6.04
N ALA A 290 24.91 -26.06 5.99
CA ALA A 290 23.49 -26.02 6.29
C ALA A 290 22.85 -24.81 5.61
N THR A 291 21.63 -25.00 5.12
CA THR A 291 20.83 -23.93 4.55
C THR A 291 19.53 -23.83 5.31
N SER A 292 19.22 -22.64 5.80
CA SER A 292 17.96 -22.39 6.51
C SER A 292 17.54 -20.96 6.22
N GLY A 293 16.64 -20.42 7.03
CA GLY A 293 16.18 -19.06 6.79
C GLY A 293 15.24 -18.58 7.87
N ALA A 294 14.85 -17.32 7.74
CA ALA A 294 13.90 -16.68 8.64
C ALA A 294 13.21 -15.57 7.86
N ASP A 295 12.28 -14.88 8.53
CA ASP A 295 11.38 -13.87 7.96
C ASP A 295 12.05 -13.02 6.87
N PRO A 296 11.51 -13.03 5.65
CA PRO A 296 12.14 -12.25 4.56
C PRO A 296 11.96 -10.74 4.71
N VAL A 297 11.01 -10.29 5.52
CA VAL A 297 10.86 -8.85 5.74
C VAL A 297 12.04 -8.31 6.55
N ILE A 298 12.35 -8.96 7.67
CA ILE A 298 13.54 -8.58 8.42
C ILE A 298 14.79 -9.08 7.70
N MET A 299 14.66 -10.15 6.90
CA MET A 299 15.66 -10.57 5.92
C MET A 299 16.99 -11.02 6.53
N LEU A 300 17.54 -10.24 7.47
CA LEU A 300 18.91 -10.42 7.92
C LEU A 300 19.04 -11.30 9.15
N THR A 301 17.98 -12.03 9.53
CA THR A 301 18.04 -12.92 10.68
C THR A 301 18.26 -14.38 10.31
N GLY A 302 18.51 -14.66 9.02
CA GLY A 302 18.84 -15.99 8.56
C GLY A 302 20.04 -16.65 9.20
N PRO A 303 21.11 -15.91 9.52
CA PRO A 303 22.28 -16.56 10.15
C PRO A 303 21.99 -17.35 11.41
N THR A 304 21.00 -16.94 12.22
CA THR A 304 20.78 -17.63 13.50
C THR A 304 20.31 -19.07 13.32
N PRO A 305 19.24 -19.37 12.58
CA PRO A 305 18.86 -20.79 12.43
C PRO A 305 19.82 -21.58 11.55
N ALA A 306 20.44 -20.94 10.56
CA ALA A 306 21.43 -21.62 9.74
C ALA A 306 22.62 -22.08 10.57
N THR A 307 23.01 -21.27 11.56
CA THR A 307 24.12 -21.66 12.44
C THR A 307 23.71 -22.82 13.34
N ARG A 308 22.51 -22.77 13.92
CA ARG A 308 22.06 -23.86 14.77
C ARG A 308 21.94 -25.17 14.00
N LYS A 309 21.56 -25.10 12.72
CA LYS A 309 21.38 -26.32 11.94
C LYS A 309 22.71 -26.96 11.60
N VAL A 310 23.72 -26.16 11.26
CA VAL A 310 25.03 -26.72 10.92
C VAL A 310 25.73 -27.25 12.16
N LEU A 311 25.41 -26.70 13.35
CA LEU A 311 26.00 -27.21 14.58
C LEU A 311 25.40 -28.56 14.94
N ASP A 312 24.09 -28.73 14.71
CA ASP A 312 23.44 -30.00 15.03
C ASP A 312 23.90 -31.11 14.08
N ARG A 313 24.09 -30.78 12.79
CA ARG A 313 24.53 -31.79 11.83
C ARG A 313 25.94 -32.27 12.17
N ALA A 314 26.84 -31.36 12.50
CA ALA A 314 28.18 -31.75 12.93
C ALA A 314 28.21 -32.33 14.33
N GLY A 315 27.14 -32.17 15.11
CA GLY A 315 27.10 -32.69 16.46
C GLY A 315 27.82 -31.85 17.48
N LEU A 316 28.09 -30.58 17.18
CA LEU A 316 28.85 -29.71 18.05
C LEU A 316 27.96 -28.60 18.58
N THR A 317 28.43 -27.94 19.63
CA THR A 317 27.79 -26.78 20.21
C THR A 317 28.62 -25.53 19.92
N VAL A 318 28.16 -24.40 20.46
CA VAL A 318 28.88 -23.14 20.26
C VAL A 318 30.26 -23.20 20.93
N ASP A 319 30.37 -23.93 22.04
CA ASP A 319 31.65 -24.01 22.75
C ASP A 319 32.72 -24.67 21.90
N ASP A 320 32.34 -25.54 20.97
CA ASP A 320 33.32 -26.26 20.16
C ASP A 320 33.93 -25.40 19.07
N ILE A 321 33.25 -24.32 18.68
CA ILE A 321 33.74 -23.45 17.61
C ILE A 321 34.66 -22.39 18.20
N ASP A 322 35.87 -22.29 17.66
CA ASP A 322 36.85 -21.33 18.15
C ASP A 322 36.69 -19.94 17.54
N LEU A 323 36.27 -19.87 16.27
CA LEU A 323 36.16 -18.59 15.57
C LEU A 323 34.82 -18.52 14.85
N PHE A 324 34.12 -17.40 15.03
CA PHE A 324 32.86 -17.13 14.35
C PHE A 324 33.08 -15.98 13.37
N GLU A 325 32.77 -16.22 12.10
CA GLU A 325 32.90 -15.22 11.05
C GLU A 325 31.53 -14.97 10.44
N LEU A 326 30.95 -13.83 10.75
CA LEU A 326 29.69 -13.39 10.15
C LEU A 326 29.95 -12.14 9.33
N ASN A 327 29.43 -12.10 8.11
CA ASN A 327 29.66 -10.96 7.24
C ASN A 327 29.00 -9.71 7.82
N GLU A 328 29.75 -8.61 7.84
CA GLU A 328 29.27 -7.36 8.43
C GLU A 328 28.53 -6.51 7.40
N ALA A 329 27.42 -7.07 6.90
CA ALA A 329 26.56 -6.31 6.01
C ALA A 329 26.02 -5.07 6.71
N PHE A 330 25.57 -5.24 7.95
CA PHE A 330 25.19 -4.14 8.82
C PHE A 330 25.61 -4.50 10.24
N ALA A 331 25.92 -3.47 11.04
CA ALA A 331 26.43 -3.72 12.38
C ALA A 331 25.39 -4.44 13.24
N SER A 332 24.11 -4.09 13.09
CA SER A 332 23.07 -4.69 13.93
C SER A 332 22.94 -6.18 13.68
N VAL A 333 23.22 -6.65 12.46
CA VAL A 333 23.15 -8.07 12.16
C VAL A 333 24.16 -8.84 13.01
N VAL A 334 25.38 -8.33 13.11
CA VAL A 334 26.40 -9.00 13.91
C VAL A 334 26.02 -8.96 15.38
N LEU A 335 25.55 -7.80 15.87
CA LEU A 335 25.16 -7.69 17.27
C LEU A 335 23.97 -8.59 17.58
N LYS A 336 23.04 -8.71 16.64
CA LYS A 336 21.90 -9.60 16.83
C LYS A 336 22.33 -11.06 16.83
N PHE A 337 23.17 -11.44 15.87
CA PHE A 337 23.68 -12.80 15.82
C PHE A 337 24.50 -13.15 17.06
N GLN A 338 25.17 -12.16 17.64
CA GLN A 338 25.90 -12.40 18.88
C GLN A 338 24.96 -12.56 20.06
N LYS A 339 23.93 -11.72 20.15
CA LYS A 339 23.00 -11.79 21.26
C LYS A 339 22.20 -13.10 21.23
N ASP A 340 21.92 -13.63 20.04
CA ASP A 340 21.15 -14.86 19.94
C ASP A 340 21.93 -16.05 20.48
N LEU A 341 23.13 -16.26 19.97
CA LEU A 341 23.93 -17.44 20.29
C LEU A 341 24.86 -17.22 21.48
N ASN A 342 24.88 -16.02 22.05
CA ASN A 342 25.74 -15.68 23.19
C ASN A 342 27.20 -16.02 22.88
N ILE A 343 27.75 -15.31 21.90
CA ILE A 343 29.09 -15.55 21.40
C ILE A 343 30.01 -14.46 21.95
N PRO A 344 31.17 -14.81 22.51
CA PRO A 344 32.10 -13.77 22.99
C PRO A 344 32.61 -12.92 21.84
N ASP A 345 32.93 -11.66 22.16
CA ASP A 345 33.45 -10.75 21.14
C ASP A 345 34.78 -11.23 20.59
N GLU A 346 35.60 -11.87 21.42
CA GLU A 346 36.91 -12.34 21.00
C GLU A 346 36.84 -13.47 19.98
N LYS A 347 35.66 -14.05 19.77
CA LYS A 347 35.47 -15.11 18.78
C LYS A 347 34.86 -14.61 17.48
N LEU A 348 34.35 -13.39 17.46
CA LEU A 348 33.46 -12.91 16.40
C LEU A 348 34.20 -11.88 15.54
N ASN A 349 34.46 -12.25 14.28
CA ASN A 349 35.09 -11.37 13.30
C ASN A 349 36.40 -10.77 13.83
N VAL A 350 37.35 -11.67 14.11
CA VAL A 350 38.57 -11.28 14.81
C VAL A 350 39.46 -10.40 13.93
N ASN A 351 39.34 -10.50 12.61
CA ASN A 351 40.18 -9.74 11.69
C ASN A 351 39.41 -8.62 10.99
N GLY A 352 38.39 -8.08 11.63
CA GLY A 352 37.52 -7.12 10.99
C GLY A 352 36.66 -7.80 9.93
N GLY A 353 35.87 -6.99 9.26
CA GLY A 353 34.93 -7.50 8.27
C GLY A 353 34.55 -6.47 7.23
N ALA A 354 33.37 -6.68 6.64
CA ALA A 354 32.94 -5.89 5.49
C ALA A 354 32.74 -4.41 5.81
N ILE A 355 32.51 -4.06 7.08
CA ILE A 355 32.35 -2.65 7.43
C ILE A 355 33.63 -1.89 7.11
N ALA A 356 34.79 -2.50 7.35
CA ALA A 356 36.06 -1.87 7.10
C ALA A 356 36.64 -2.21 5.73
N MET A 357 36.59 -3.48 5.33
CA MET A 357 37.27 -3.94 4.13
C MET A 357 36.37 -4.04 2.91
N GLY A 358 35.05 -3.95 3.08
CA GLY A 358 34.13 -3.97 1.95
C GLY A 358 33.42 -5.30 1.79
N HIS A 359 32.41 -5.28 0.93
CA HIS A 359 31.50 -6.42 0.75
C HIS A 359 31.23 -6.65 -0.73
N PRO A 360 32.12 -7.37 -1.43
CA PRO A 360 31.85 -7.78 -2.82
C PRO A 360 30.91 -8.98 -2.83
N LEU A 361 29.65 -8.72 -3.23
CA LEU A 361 28.55 -9.64 -2.94
C LEU A 361 28.88 -11.08 -3.29
N GLY A 362 29.10 -11.36 -4.58
CA GLY A 362 29.31 -12.72 -5.01
C GLY A 362 30.57 -13.36 -4.45
N ALA A 363 31.56 -12.55 -4.09
CA ALA A 363 32.84 -13.08 -3.63
C ALA A 363 32.99 -13.09 -2.12
N THR A 364 32.09 -12.43 -1.39
CA THR A 364 32.30 -12.25 0.05
C THR A 364 32.33 -13.57 0.79
N GLY A 365 31.43 -14.49 0.45
CA GLY A 365 31.36 -15.75 1.16
C GLY A 365 32.65 -16.54 1.09
N ALA A 366 33.33 -16.51 -0.06
CA ALA A 366 34.61 -17.20 -0.19
C ALA A 366 35.74 -16.40 0.45
N MET A 367 35.63 -15.07 0.46
CA MET A 367 36.67 -14.25 1.09
C MET A 367 36.73 -14.51 2.59
N ILE A 368 35.60 -14.39 3.29
CA ILE A 368 35.60 -14.57 4.73
C ILE A 368 35.83 -16.03 5.11
N LEU A 369 35.64 -16.95 4.17
CA LEU A 369 36.02 -18.34 4.44
C LEU A 369 37.53 -18.50 4.39
N GLY A 370 38.17 -17.94 3.36
CA GLY A 370 39.63 -17.96 3.31
C GLY A 370 40.27 -17.18 4.43
N THR A 371 39.57 -16.18 4.96
CA THR A 371 40.07 -15.48 6.14
C THR A 371 40.12 -16.39 7.35
N MET A 372 39.17 -17.33 7.46
CA MET A 372 39.12 -18.20 8.64
C MET A 372 40.05 -19.39 8.52
N VAL A 373 40.34 -19.85 7.30
CA VAL A 373 41.31 -20.94 7.15
C VAL A 373 42.72 -20.46 7.49
N ASP A 374 42.97 -19.15 7.39
CA ASP A 374 44.27 -18.61 7.77
C ASP A 374 44.36 -18.42 9.28
N GLU A 375 43.33 -17.82 9.88
CA GLU A 375 43.35 -17.61 11.33
C GLU A 375 43.29 -18.93 12.09
N LEU A 376 42.64 -19.94 11.53
CA LEU A 376 42.69 -21.26 12.15
C LEU A 376 44.11 -21.83 12.12
N GLU A 377 44.83 -21.60 11.02
CA GLU A 377 46.21 -22.05 10.91
C GLU A 377 47.16 -21.17 11.71
N ARG A 378 46.89 -19.86 11.78
CA ARG A 378 47.77 -18.95 12.52
C ARG A 378 47.66 -19.18 14.01
N ARG A 379 46.44 -19.09 14.56
CA ARG A 379 46.22 -19.36 15.97
C ARG A 379 46.37 -20.83 16.33
N ASN A 380 46.51 -21.71 15.33
CA ASN A 380 46.57 -23.15 15.55
C ASN A 380 45.31 -23.65 16.26
N ALA A 381 44.18 -23.04 15.94
CA ALA A 381 42.89 -23.46 16.46
C ALA A 381 42.32 -24.59 15.60
N ARG A 382 41.22 -25.17 16.08
CA ARG A 382 40.65 -26.36 15.44
C ARG A 382 39.46 -26.05 14.54
N ARG A 383 38.41 -25.42 15.08
CA ARG A 383 37.16 -25.28 14.36
C ARG A 383 36.80 -23.81 14.15
N ALA A 384 36.08 -23.55 13.07
CA ALA A 384 35.56 -22.23 12.75
C ALA A 384 34.20 -22.37 12.07
N LEU A 385 33.37 -21.35 12.24
CA LEU A 385 32.03 -21.34 11.68
C LEU A 385 31.82 -20.06 10.89
N ILE A 386 31.40 -20.20 9.63
CA ILE A 386 31.23 -19.08 8.71
C ILE A 386 29.75 -18.98 8.34
N THR A 387 29.20 -17.77 8.42
CA THR A 387 27.80 -17.53 8.13
C THR A 387 27.64 -16.17 7.47
N LEU A 388 26.61 -16.04 6.64
CA LEU A 388 26.31 -14.78 5.99
C LEU A 388 24.81 -14.56 5.98
N CYS A 389 24.39 -13.31 6.18
CA CYS A 389 22.99 -12.93 6.02
C CYS A 389 22.67 -12.79 4.54
N ILE A 390 21.50 -13.29 4.15
CA ILE A 390 21.13 -13.39 2.75
C ILE A 390 19.84 -12.62 2.51
N GLY A 391 19.71 -12.09 1.29
CA GLY A 391 18.46 -11.46 0.90
C GLY A 391 17.33 -12.45 0.83
N GLY A 392 16.11 -11.95 1.03
CA GLY A 392 14.96 -12.83 1.08
C GLY A 392 14.84 -13.65 2.35
N GLY A 393 15.68 -13.38 3.35
CA GLY A 393 15.59 -14.07 4.62
C GLY A 393 16.26 -15.43 4.68
N MET A 394 17.20 -15.71 3.78
CA MET A 394 17.88 -16.99 3.77
C MET A 394 19.06 -17.00 4.74
N GLY A 395 19.62 -18.19 4.94
CA GLY A 395 20.78 -18.36 5.80
C GLY A 395 21.66 -19.51 5.37
N VAL A 396 22.97 -19.30 5.38
CA VAL A 396 23.94 -20.33 4.99
C VAL A 396 25.07 -20.33 6.00
N ALA A 397 25.37 -21.49 6.57
CA ALA A 397 26.43 -21.63 7.56
C ALA A 397 27.31 -22.82 7.21
N THR A 398 28.61 -22.69 7.50
CA THR A 398 29.59 -23.72 7.20
C THR A 398 30.55 -23.85 8.38
N ILE A 399 30.93 -25.08 8.68
CA ILE A 399 31.87 -25.37 9.76
C ILE A 399 33.11 -26.02 9.13
N ILE A 400 34.26 -25.38 9.30
CA ILE A 400 35.53 -25.90 8.82
C ILE A 400 36.39 -26.28 10.01
N GLU A 401 37.29 -27.24 9.79
CA GLU A 401 38.19 -27.72 10.82
C GLU A 401 39.60 -27.77 10.27
N ARG A 402 40.55 -27.16 10.98
CA ARG A 402 41.94 -27.16 10.55
C ARG A 402 42.52 -28.57 10.64
N VAL A 403 43.26 -28.96 9.61
CA VAL A 403 43.92 -30.26 9.58
C VAL A 403 45.42 -30.11 9.36
N GLY B 2 -13.39 -18.50 -33.66
CA GLY B 2 -14.70 -18.14 -33.17
C GLY B 2 -14.75 -16.79 -32.49
N SER B 3 -13.59 -16.32 -32.02
CA SER B 3 -13.49 -15.03 -31.38
C SER B 3 -13.78 -13.92 -32.38
N SER B 4 -14.76 -13.08 -32.08
CA SER B 4 -15.23 -12.08 -33.02
C SER B 4 -15.67 -10.84 -32.25
N HIS B 5 -16.52 -10.02 -32.88
CA HIS B 5 -17.05 -8.82 -32.28
C HIS B 5 -18.38 -9.06 -31.55
N HIS B 6 -18.79 -10.31 -31.40
CA HIS B 6 -20.07 -10.64 -30.78
C HIS B 6 -19.85 -11.65 -29.67
N HIS B 7 -20.74 -11.64 -28.68
CA HIS B 7 -20.64 -12.54 -27.54
C HIS B 7 -21.90 -13.39 -27.41
N MET B 17 -32.02 -11.76 -28.58
CA MET B 17 -32.44 -10.72 -29.50
C MET B 17 -32.53 -9.36 -28.80
N PRO B 18 -31.40 -8.68 -28.64
CA PRO B 18 -31.41 -7.38 -27.97
C PRO B 18 -31.96 -6.26 -28.86
N ASP B 19 -31.62 -5.02 -28.54
CA ASP B 19 -32.03 -3.86 -29.32
C ASP B 19 -30.80 -3.04 -29.69
N ASN B 20 -30.91 -2.31 -30.80
CA ASN B 20 -29.80 -1.50 -31.28
C ASN B 20 -29.73 -0.18 -30.51
N THR B 21 -28.52 0.23 -30.15
CA THR B 21 -28.30 1.45 -29.39
C THR B 21 -27.40 2.44 -30.12
N ILE B 22 -27.05 2.16 -31.37
CA ILE B 22 -26.13 3.01 -32.13
C ILE B 22 -26.80 3.40 -33.44
N GLN B 23 -26.84 4.70 -33.72
CA GLN B 23 -27.38 5.23 -34.96
C GLN B 23 -26.24 5.46 -35.95
N TRP B 24 -26.40 4.93 -37.16
CA TRP B 24 -25.38 5.00 -38.19
C TRP B 24 -25.69 6.14 -39.16
N ASP B 25 -24.67 6.91 -39.51
CA ASP B 25 -24.82 7.99 -40.49
C ASP B 25 -23.47 8.26 -41.14
N LYS B 26 -23.42 8.20 -42.47
CA LYS B 26 -22.21 8.50 -43.22
C LYS B 26 -22.52 9.63 -44.20
N ASP B 27 -21.78 10.72 -44.10
CA ASP B 27 -22.00 11.87 -44.96
C ASP B 27 -21.28 11.69 -46.29
N ALA B 28 -21.36 12.71 -47.15
CA ALA B 28 -20.79 12.62 -48.49
C ALA B 28 -19.28 12.58 -48.48
N ASP B 29 -18.63 13.08 -47.42
CA ASP B 29 -17.18 13.04 -47.34
C ASP B 29 -16.64 11.68 -46.93
N GLY B 30 -17.50 10.76 -46.49
CA GLY B 30 -17.08 9.46 -46.02
C GLY B 30 -16.94 9.34 -44.52
N ILE B 31 -17.34 10.36 -43.76
CA ILE B 31 -17.20 10.34 -42.31
C ILE B 31 -18.45 9.71 -41.71
N VAL B 32 -18.25 8.65 -40.93
CA VAL B 32 -19.35 7.94 -40.29
C VAL B 32 -19.52 8.48 -38.87
N THR B 33 -20.75 8.82 -38.52
CA THR B 33 -21.07 9.36 -37.20
C THR B 33 -21.85 8.30 -36.42
N LEU B 34 -21.18 7.65 -35.48
CA LEU B 34 -21.83 6.68 -34.59
C LEU B 34 -22.41 7.44 -33.39
N THR B 35 -23.73 7.58 -33.35
CA THR B 35 -24.41 8.31 -32.29
C THR B 35 -24.98 7.29 -31.30
N MET B 36 -24.41 7.25 -30.10
CA MET B 36 -24.87 6.33 -29.06
C MET B 36 -26.17 6.86 -28.47
N ASP B 37 -27.22 6.02 -28.52
CA ASP B 37 -28.56 6.43 -28.09
C ASP B 37 -29.30 5.18 -27.64
N ASP B 38 -29.06 4.79 -26.39
CA ASP B 38 -29.71 3.60 -25.83
C ASP B 38 -31.21 3.85 -25.71
N PRO B 39 -32.06 3.05 -26.37
CA PRO B 39 -33.50 3.29 -26.26
C PRO B 39 -34.04 3.01 -24.87
N SER B 40 -33.62 1.92 -24.23
CA SER B 40 -34.06 1.57 -22.88
C SER B 40 -33.19 2.31 -21.88
N GLY B 41 -33.59 3.53 -21.54
CA GLY B 41 -32.84 4.33 -20.59
C GLY B 41 -32.48 5.70 -21.13
N SER B 42 -32.07 6.61 -20.24
CA SER B 42 -31.69 7.96 -20.61
C SER B 42 -30.18 8.16 -20.60
N THR B 43 -29.41 7.13 -20.31
CA THR B 43 -27.96 7.20 -20.31
C THR B 43 -27.38 6.00 -21.05
N ASN B 44 -26.31 6.23 -21.79
CA ASN B 44 -25.65 5.14 -22.50
C ASN B 44 -24.92 4.25 -21.50
N VAL B 45 -25.32 2.98 -21.45
CA VAL B 45 -24.83 2.03 -20.45
C VAL B 45 -24.21 0.84 -21.18
N MET B 46 -23.09 0.36 -20.66
CA MET B 46 -22.42 -0.80 -21.24
C MET B 46 -23.15 -2.06 -20.79
N ASN B 47 -24.19 -2.41 -21.55
CA ASN B 47 -25.02 -3.58 -21.31
C ASN B 47 -24.89 -4.55 -22.48
N GLU B 48 -25.72 -5.59 -22.49
CA GLU B 48 -25.70 -6.55 -23.59
C GLU B 48 -26.12 -5.90 -24.89
N ALA B 49 -26.97 -4.87 -24.82
CA ALA B 49 -27.40 -4.16 -26.02
C ALA B 49 -26.26 -3.40 -26.66
N TYR B 50 -25.42 -2.73 -25.86
CA TYR B 50 -24.30 -1.98 -26.41
C TYR B 50 -23.29 -2.91 -27.08
N ILE B 51 -22.97 -4.04 -26.44
CA ILE B 51 -21.98 -4.95 -26.99
C ILE B 51 -22.43 -5.49 -28.34
N GLU B 52 -23.73 -5.78 -28.48
CA GLU B 52 -24.24 -6.20 -29.78
C GLU B 52 -24.30 -5.02 -30.76
N SER B 53 -24.67 -3.84 -30.26
CA SER B 53 -24.76 -2.68 -31.13
C SER B 53 -23.39 -2.30 -31.68
N MET B 54 -22.39 -2.20 -30.80
CA MET B 54 -21.05 -1.84 -31.23
C MET B 54 -20.44 -2.94 -32.11
N GLY B 55 -20.75 -4.20 -31.80
CA GLY B 55 -20.27 -5.29 -32.65
C GLY B 55 -20.79 -5.19 -34.07
N LYS B 56 -22.06 -4.82 -34.23
CA LYS B 56 -22.60 -4.59 -35.57
C LYS B 56 -21.96 -3.36 -36.21
N ALA B 57 -21.68 -2.33 -35.41
CA ALA B 57 -21.14 -1.09 -35.96
C ALA B 57 -19.72 -1.28 -36.47
N VAL B 58 -18.89 -2.02 -35.73
CA VAL B 58 -17.50 -2.19 -36.17
C VAL B 58 -17.41 -3.17 -37.33
N ASP B 59 -18.32 -4.13 -37.44
CA ASP B 59 -18.36 -4.99 -38.61
C ASP B 59 -18.66 -4.17 -39.86
N ARG B 60 -19.57 -3.21 -39.75
CA ARG B 60 -19.90 -2.37 -40.89
C ARG B 60 -18.78 -1.40 -41.24
N LEU B 61 -17.99 -0.99 -40.24
CA LEU B 61 -16.83 -0.13 -40.53
C LEU B 61 -15.78 -0.90 -41.31
N VAL B 62 -15.59 -2.18 -40.99
CA VAL B 62 -14.63 -3.00 -41.75
C VAL B 62 -15.20 -3.34 -43.12
N ALA B 63 -16.52 -3.56 -43.19
CA ALA B 63 -17.12 -3.94 -44.46
C ALA B 63 -17.18 -2.77 -45.44
N GLU B 64 -17.28 -1.54 -44.94
CA GLU B 64 -17.36 -0.35 -45.78
C GLU B 64 -16.08 0.49 -45.72
N LYS B 65 -14.94 -0.12 -45.35
CA LYS B 65 -13.72 0.66 -45.16
C LYS B 65 -13.27 1.38 -46.42
N ASP B 66 -13.68 0.92 -47.59
CA ASP B 66 -13.31 1.59 -48.84
C ASP B 66 -14.01 2.93 -48.98
N SER B 67 -15.29 3.00 -48.60
CA SER B 67 -16.09 4.22 -48.76
C SER B 67 -16.09 5.09 -47.52
N ILE B 68 -15.32 4.74 -46.49
CA ILE B 68 -15.26 5.49 -45.24
C ILE B 68 -13.88 6.14 -45.13
N THR B 69 -13.87 7.40 -44.68
CA THR B 69 -12.64 8.14 -44.46
C THR B 69 -12.38 8.50 -43.00
N GLY B 70 -13.40 8.51 -42.16
CA GLY B 70 -13.23 8.81 -40.75
C GLY B 70 -14.49 8.48 -39.99
N VAL B 71 -14.35 8.40 -38.66
CA VAL B 71 -15.44 8.06 -37.78
C VAL B 71 -15.52 9.10 -36.66
N VAL B 72 -16.75 9.43 -36.27
CA VAL B 72 -17.01 10.32 -35.13
C VAL B 72 -17.95 9.60 -34.18
N VAL B 73 -17.51 9.39 -32.95
CA VAL B 73 -18.31 8.72 -31.92
C VAL B 73 -18.91 9.80 -31.03
N ALA B 74 -20.24 9.95 -31.10
CA ALA B 74 -20.95 10.96 -30.32
C ALA B 74 -22.07 10.29 -29.53
N SER B 75 -22.79 11.09 -28.74
CA SER B 75 -23.88 10.59 -27.91
C SER B 75 -25.11 11.46 -28.09
N ALA B 76 -26.28 10.83 -28.03
CA ALA B 76 -27.55 11.53 -28.13
C ALA B 76 -28.16 11.82 -26.77
N LYS B 77 -27.54 11.37 -25.68
CA LYS B 77 -28.02 11.64 -24.33
C LYS B 77 -27.43 12.96 -23.84
N LYS B 78 -27.83 13.37 -22.64
CA LYS B 78 -27.24 14.55 -22.01
C LYS B 78 -25.78 14.29 -21.63
N THR B 79 -25.46 13.05 -21.25
CA THR B 79 -24.09 12.63 -21.00
C THR B 79 -23.55 11.86 -22.20
N PHE B 80 -22.26 11.53 -22.13
CA PHE B 80 -21.64 10.75 -23.20
C PHE B 80 -21.90 9.26 -23.00
N PHE B 81 -21.35 8.70 -21.92
CA PHE B 81 -21.44 7.28 -21.64
C PHE B 81 -20.94 7.04 -20.22
N ALA B 82 -21.75 6.40 -19.38
CA ALA B 82 -21.36 6.18 -17.99
C ALA B 82 -22.22 5.08 -17.40
N GLY B 83 -21.59 3.96 -17.02
CA GLY B 83 -22.32 2.90 -16.36
C GLY B 83 -21.89 1.51 -16.75
N GLY B 84 -22.83 0.58 -16.68
CA GLY B 84 -22.60 -0.83 -16.92
C GLY B 84 -23.62 -1.62 -16.13
N ASP B 85 -23.93 -2.82 -16.62
CA ASP B 85 -24.90 -3.66 -15.93
C ASP B 85 -24.29 -4.19 -14.65
N VAL B 86 -24.39 -3.41 -13.57
CA VAL B 86 -23.83 -3.83 -12.28
C VAL B 86 -24.55 -5.07 -11.76
N LYS B 87 -25.81 -5.25 -12.13
CA LYS B 87 -26.57 -6.42 -11.68
C LYS B 87 -25.96 -7.71 -12.18
N THR B 88 -25.31 -7.69 -13.35
CA THR B 88 -24.66 -8.89 -13.86
C THR B 88 -23.31 -9.11 -13.20
N MET B 89 -22.56 -8.03 -12.97
CA MET B 89 -21.21 -8.16 -12.42
C MET B 89 -21.25 -8.71 -10.99
N ILE B 90 -22.24 -8.31 -10.19
CA ILE B 90 -22.29 -8.77 -8.82
C ILE B 90 -22.75 -10.23 -8.71
N GLN B 91 -23.41 -10.76 -9.73
CA GLN B 91 -23.84 -12.14 -9.75
C GLN B 91 -22.80 -13.09 -10.35
N ALA B 92 -21.60 -12.58 -10.65
CA ALA B 92 -20.56 -13.38 -11.30
C ALA B 92 -19.87 -14.25 -10.26
N ARG B 93 -20.06 -15.56 -10.36
CA ARG B 93 -19.41 -16.51 -9.49
C ARG B 93 -18.01 -16.84 -10.02
N PRO B 94 -17.14 -17.40 -9.17
CA PRO B 94 -15.83 -17.85 -9.67
C PRO B 94 -15.93 -18.84 -10.81
N GLU B 95 -17.01 -19.63 -10.88
CA GLU B 95 -17.22 -20.54 -12.00
C GLU B 95 -17.58 -19.80 -13.29
N ASP B 96 -17.87 -18.50 -13.21
CA ASP B 96 -18.17 -17.69 -14.39
C ASP B 96 -16.99 -16.86 -14.85
N ALA B 97 -15.78 -17.14 -14.33
CA ALA B 97 -14.62 -16.37 -14.73
C ALA B 97 -14.34 -16.47 -16.22
N GLY B 98 -14.64 -17.63 -16.83
CA GLY B 98 -14.46 -17.75 -18.26
C GLY B 98 -15.42 -16.88 -19.05
N ASP B 99 -16.67 -16.77 -18.58
CA ASP B 99 -17.63 -15.92 -19.27
C ASP B 99 -17.30 -14.45 -19.08
N VAL B 100 -16.82 -14.08 -17.90
CA VAL B 100 -16.38 -12.70 -17.65
C VAL B 100 -15.22 -12.36 -18.57
N PHE B 101 -14.22 -13.24 -18.63
CA PHE B 101 -13.04 -12.99 -19.45
C PHE B 101 -13.41 -12.80 -20.91
N ASN B 102 -14.20 -13.73 -21.46
CA ASN B 102 -14.58 -13.65 -22.86
C ASN B 102 -15.40 -12.39 -23.14
N THR B 103 -16.24 -11.99 -22.19
CA THR B 103 -17.07 -10.79 -22.39
C THR B 103 -16.21 -9.54 -22.47
N VAL B 104 -15.29 -9.36 -21.51
CA VAL B 104 -14.45 -8.18 -21.52
C VAL B 104 -13.44 -8.24 -22.66
N GLU B 105 -13.02 -9.45 -23.06
CA GLU B 105 -12.15 -9.57 -24.22
C GLU B 105 -12.87 -9.15 -25.50
N THR B 106 -14.16 -9.52 -25.62
CA THR B 106 -14.94 -9.11 -26.78
C THR B 106 -15.11 -7.60 -26.85
N ILE B 107 -15.37 -6.96 -25.70
CA ILE B 107 -15.54 -5.51 -25.67
C ILE B 107 -14.27 -4.82 -26.13
N LYS B 108 -13.11 -5.25 -25.61
CA LYS B 108 -11.86 -4.63 -26.01
C LYS B 108 -11.51 -4.96 -27.45
N ARG B 109 -11.92 -6.13 -27.94
CA ARG B 109 -11.69 -6.48 -29.33
C ARG B 109 -12.42 -5.52 -30.27
N GLN B 110 -13.62 -5.09 -29.89
CA GLN B 110 -14.35 -4.09 -30.68
C GLN B 110 -13.63 -2.75 -30.67
N LEU B 111 -13.10 -2.34 -29.51
CA LEU B 111 -12.38 -1.07 -29.43
C LEU B 111 -11.05 -1.15 -30.17
N ARG B 112 -10.36 -2.29 -30.08
CA ARG B 112 -9.09 -2.43 -30.78
C ARG B 112 -9.28 -2.40 -32.29
N THR B 113 -10.37 -2.97 -32.79
CA THR B 113 -10.67 -2.86 -34.21
C THR B 113 -10.93 -1.42 -34.61
N LEU B 114 -11.77 -0.73 -33.83
CA LEU B 114 -12.03 0.68 -34.09
C LEU B 114 -10.75 1.51 -34.01
N GLU B 115 -9.81 1.09 -33.18
CA GLU B 115 -8.57 1.83 -32.96
C GLU B 115 -7.58 1.66 -34.11
N THR B 116 -7.72 0.60 -34.91
CA THR B 116 -6.76 0.26 -35.94
C THR B 116 -7.43 0.16 -37.31
N LEU B 117 -8.35 1.07 -37.61
CA LEU B 117 -9.01 1.11 -38.90
C LEU B 117 -8.19 1.80 -39.98
N GLY B 118 -7.01 2.33 -39.64
CA GLY B 118 -6.28 3.15 -40.58
C GLY B 118 -6.93 4.47 -40.91
N LYS B 119 -7.86 4.91 -40.06
CA LYS B 119 -8.62 6.14 -40.27
C LYS B 119 -8.81 6.83 -38.92
N PRO B 120 -8.82 8.16 -38.90
CA PRO B 120 -8.99 8.88 -37.63
C PRO B 120 -10.41 8.70 -37.09
N VAL B 121 -10.51 8.34 -35.82
CA VAL B 121 -11.78 8.27 -35.11
C VAL B 121 -11.73 9.29 -33.97
N VAL B 122 -12.78 10.09 -33.85
CA VAL B 122 -12.84 11.19 -32.90
C VAL B 122 -13.99 10.97 -31.94
N ALA B 123 -13.72 11.11 -30.65
CA ALA B 123 -14.75 11.04 -29.62
C ALA B 123 -15.30 12.43 -29.37
N ALA B 124 -16.62 12.58 -29.50
CA ALA B 124 -17.32 13.83 -29.22
C ALA B 124 -17.98 13.69 -27.87
N ILE B 125 -17.26 14.07 -26.81
CA ILE B 125 -17.72 13.90 -25.44
C ILE B 125 -18.56 15.11 -25.07
N ASN B 126 -19.88 14.92 -24.98
CA ASN B 126 -20.80 15.99 -24.64
C ASN B 126 -21.08 16.09 -23.15
N GLY B 127 -21.02 14.98 -22.43
CA GLY B 127 -21.28 14.99 -21.01
C GLY B 127 -20.37 14.08 -20.22
N ALA B 128 -20.92 13.40 -19.22
CA ALA B 128 -20.12 12.53 -18.37
C ALA B 128 -19.64 11.32 -19.15
N ALA B 129 -18.34 11.02 -19.02
CA ALA B 129 -17.72 9.84 -19.61
C ALA B 129 -17.00 9.10 -18.48
N LEU B 130 -17.71 8.17 -17.83
CA LEU B 130 -17.20 7.47 -16.66
C LEU B 130 -17.10 5.98 -16.94
N GLY B 131 -15.99 5.40 -16.51
CA GLY B 131 -15.86 3.95 -16.60
C GLY B 131 -15.78 3.52 -18.04
N GLY B 132 -16.75 2.73 -18.49
CA GLY B 132 -16.72 2.25 -19.86
C GLY B 132 -16.84 3.37 -20.88
N GLY B 133 -17.40 4.50 -20.45
CA GLY B 133 -17.55 5.61 -21.38
C GLY B 133 -16.22 6.25 -21.74
N LEU B 134 -15.37 6.48 -20.74
CA LEU B 134 -14.04 7.01 -21.03
C LEU B 134 -13.20 6.00 -21.79
N GLU B 135 -13.38 4.71 -21.51
CA GLU B 135 -12.63 3.68 -22.23
C GLU B 135 -12.97 3.67 -23.71
N ILE B 136 -14.23 3.94 -24.06
CA ILE B 136 -14.59 4.09 -25.47
C ILE B 136 -13.87 5.30 -26.06
N ALA B 137 -13.89 6.42 -25.33
CA ALA B 137 -13.21 7.62 -25.82
C ALA B 137 -11.70 7.44 -25.88
N LEU B 138 -11.13 6.65 -24.95
CA LEU B 138 -9.69 6.40 -24.98
C LEU B 138 -9.29 5.51 -26.15
N ALA B 139 -10.22 4.73 -26.70
CA ALA B 139 -9.94 3.96 -27.90
C ALA B 139 -9.88 4.83 -29.14
N CYS B 140 -10.34 6.07 -29.05
CA CYS B 140 -10.28 6.98 -30.20
C CYS B 140 -8.90 7.62 -30.28
N HIS B 141 -8.67 8.32 -31.40
CA HIS B 141 -7.40 8.99 -31.64
C HIS B 141 -7.40 10.46 -31.22
N HIS B 142 -8.57 11.10 -31.24
CA HIS B 142 -8.69 12.49 -30.84
C HIS B 142 -9.97 12.66 -30.03
N ARG B 143 -9.87 13.34 -28.90
CA ARG B 143 -11.01 13.52 -27.99
C ARG B 143 -11.29 15.01 -27.83
N ILE B 144 -12.52 15.40 -28.15
CA ILE B 144 -12.98 16.78 -27.97
C ILE B 144 -14.07 16.77 -26.91
N ALA B 145 -13.90 17.60 -25.89
CA ALA B 145 -14.84 17.68 -24.78
C ALA B 145 -15.50 19.06 -24.77
N ALA B 146 -16.79 19.08 -24.42
CA ALA B 146 -17.52 20.33 -24.28
C ALA B 146 -17.27 20.90 -22.89
N ASP B 147 -16.79 22.13 -22.82
CA ASP B 147 -16.43 22.77 -21.55
C ASP B 147 -17.72 23.19 -20.85
N VAL B 148 -18.39 22.22 -20.25
CA VAL B 148 -19.60 22.45 -19.47
C VAL B 148 -19.45 21.74 -18.13
N LYS B 149 -19.74 22.46 -17.06
CA LYS B 149 -19.61 21.88 -15.73
C LYS B 149 -20.69 20.83 -15.51
N GLY B 150 -20.43 19.92 -14.57
CA GLY B 150 -21.28 18.78 -14.33
C GLY B 150 -20.91 17.54 -15.13
N SER B 151 -20.14 17.70 -16.21
CA SER B 151 -19.65 16.57 -16.98
C SER B 151 -18.29 16.13 -16.42
N GLN B 152 -18.18 14.84 -16.12
CA GLN B 152 -16.98 14.28 -15.54
C GLN B 152 -16.28 13.37 -16.55
N LEU B 153 -15.03 13.04 -16.24
CA LEU B 153 -14.23 12.13 -17.05
C LEU B 153 -13.35 11.34 -16.09
N GLY B 154 -13.58 10.04 -15.98
CA GLY B 154 -12.78 9.25 -15.05
C GLY B 154 -13.05 7.77 -15.21
N LEU B 155 -12.22 6.98 -14.53
CA LEU B 155 -12.31 5.53 -14.50
C LEU B 155 -12.49 5.11 -13.04
N PRO B 156 -13.73 5.21 -12.52
CA PRO B 156 -13.93 5.00 -11.08
C PRO B 156 -14.22 3.55 -10.71
N ALA B 157 -13.63 2.61 -11.46
CA ALA B 157 -13.90 1.20 -11.20
C ALA B 157 -13.30 0.72 -9.88
N VAL B 158 -12.26 1.40 -9.38
CA VAL B 158 -11.64 0.97 -8.13
C VAL B 158 -12.59 1.15 -6.96
N THR B 159 -13.53 2.10 -7.04
CA THR B 159 -14.50 2.31 -5.96
C THR B 159 -15.50 1.18 -5.84
N LEU B 160 -15.61 0.30 -6.83
CA LEU B 160 -16.47 -0.87 -6.78
C LEU B 160 -15.68 -2.15 -6.58
N GLY B 161 -14.41 -2.04 -6.18
CA GLY B 161 -13.57 -3.20 -6.08
C GLY B 161 -13.15 -3.79 -7.42
N LEU B 162 -13.27 -3.02 -8.49
CA LEU B 162 -12.98 -3.47 -9.85
C LEU B 162 -11.81 -2.65 -10.41
N LEU B 163 -11.50 -2.89 -11.67
CA LEU B 163 -10.53 -2.12 -12.44
C LEU B 163 -11.13 -1.80 -13.80
N PRO B 164 -10.64 -0.76 -14.49
CA PRO B 164 -11.15 -0.45 -15.83
C PRO B 164 -10.78 -1.54 -16.83
N GLY B 165 -11.63 -2.54 -16.96
CA GLY B 165 -11.32 -3.70 -17.77
C GLY B 165 -11.45 -3.51 -19.27
N GLY B 166 -12.11 -2.42 -19.70
CA GLY B 166 -12.31 -2.20 -21.12
C GLY B 166 -11.17 -1.45 -21.78
N GLY B 167 -9.94 -1.69 -21.33
CA GLY B 167 -8.79 -1.02 -21.87
C GLY B 167 -8.35 0.22 -21.09
N GLY B 168 -9.00 0.51 -19.97
CA GLY B 168 -8.63 1.70 -19.21
C GLY B 168 -7.21 1.64 -18.68
N VAL B 169 -6.87 0.52 -18.03
CA VAL B 169 -5.51 0.39 -17.48
C VAL B 169 -4.48 0.41 -18.61
N THR B 170 -4.73 -0.35 -19.67
CA THR B 170 -3.72 -0.49 -20.72
C THR B 170 -3.51 0.82 -21.47
N ARG B 171 -4.59 1.57 -21.75
CA ARG B 171 -4.42 2.77 -22.56
C ARG B 171 -3.92 3.95 -21.75
N THR B 172 -4.36 4.10 -20.49
CA THR B 172 -3.86 5.20 -19.68
C THR B 172 -2.36 5.04 -19.40
N VAL B 173 -1.90 3.81 -19.27
CA VAL B 173 -0.47 3.57 -19.09
C VAL B 173 0.29 3.91 -20.37
N ARG B 174 -0.24 3.52 -21.53
CA ARG B 174 0.44 3.87 -22.78
C ARG B 174 0.41 5.36 -23.03
N MET B 175 -0.59 6.08 -22.49
CA MET B 175 -0.66 7.51 -22.68
C MET B 175 0.23 8.27 -21.71
N PHE B 176 0.21 7.86 -20.43
CA PHE B 176 0.83 8.64 -19.36
C PHE B 176 2.01 7.95 -18.69
N GLY B 177 2.19 6.65 -18.89
CA GLY B 177 3.19 5.90 -18.16
C GLY B 177 2.62 5.29 -16.88
N ILE B 178 3.41 4.39 -16.29
CA ILE B 178 2.93 3.59 -15.18
C ILE B 178 2.61 4.48 -13.97
N GLN B 179 3.52 5.41 -13.65
CA GLN B 179 3.38 6.16 -12.40
C GLN B 179 2.22 7.14 -12.45
N ASN B 180 2.18 8.00 -13.48
CA ASN B 180 1.14 9.02 -13.54
C ASN B 180 -0.24 8.39 -13.73
N ALA B 181 -0.35 7.37 -14.58
CA ALA B 181 -1.65 6.75 -14.81
C ALA B 181 -2.19 6.10 -13.54
N PHE B 182 -1.32 5.47 -12.76
CA PHE B 182 -1.77 4.81 -11.54
C PHE B 182 -2.13 5.82 -10.47
N VAL B 183 -1.19 6.71 -10.13
CA VAL B 183 -1.40 7.62 -9.01
C VAL B 183 -2.55 8.58 -9.27
N SER B 184 -2.64 9.09 -10.50
CA SER B 184 -3.62 10.14 -10.80
C SER B 184 -4.96 9.58 -11.28
N VAL B 185 -4.95 8.66 -12.22
CA VAL B 185 -6.16 8.23 -12.91
C VAL B 185 -6.76 6.96 -12.31
N LEU B 186 -5.94 5.92 -12.12
CA LEU B 186 -6.47 4.59 -11.88
C LEU B 186 -6.67 4.26 -10.41
N ALA B 187 -5.67 4.54 -9.56
CA ALA B 187 -5.67 3.99 -8.21
C ALA B 187 -6.83 4.54 -7.38
N GLN B 188 -7.34 5.72 -7.71
CA GLN B 188 -8.41 6.32 -6.93
C GLN B 188 -9.69 6.57 -7.72
N GLY B 189 -9.72 6.26 -9.01
CA GLY B 189 -10.90 6.56 -9.81
C GLY B 189 -11.20 8.04 -9.84
N THR B 190 -10.17 8.87 -9.97
CA THR B 190 -10.35 10.32 -9.95
C THR B 190 -11.22 10.77 -11.12
N ARG B 191 -12.12 11.70 -10.84
CA ARG B 191 -13.00 12.28 -11.85
C ARG B 191 -12.55 13.70 -12.14
N PHE B 192 -12.44 14.04 -13.42
CA PHE B 192 -11.87 15.31 -13.84
C PHE B 192 -12.90 16.16 -14.57
N LYS B 193 -12.80 17.47 -14.39
CA LYS B 193 -13.58 18.41 -15.17
C LYS B 193 -12.98 18.55 -16.56
N PRO B 194 -13.80 18.93 -17.55
CA PRO B 194 -13.27 19.04 -18.93
C PRO B 194 -12.07 19.97 -19.05
N ALA B 195 -12.02 21.06 -18.27
CA ALA B 195 -10.85 21.91 -18.29
C ALA B 195 -9.66 21.22 -17.62
N LYS B 196 -9.91 20.47 -16.55
CA LYS B 196 -8.84 19.74 -15.89
C LYS B 196 -8.33 18.59 -16.76
N ALA B 197 -9.24 17.84 -17.39
CA ALA B 197 -8.83 16.72 -18.22
C ALA B 197 -8.01 17.16 -19.41
N LYS B 198 -8.25 18.37 -19.92
CA LYS B 198 -7.43 18.89 -21.00
C LYS B 198 -5.99 19.12 -20.54
N GLU B 199 -5.81 19.57 -19.30
CA GLU B 199 -4.47 19.87 -18.81
C GLU B 199 -3.62 18.62 -18.69
N ILE B 200 -4.21 17.52 -18.21
CA ILE B 200 -3.42 16.30 -18.04
C ILE B 200 -3.31 15.52 -19.35
N GLY B 201 -4.33 15.58 -20.21
CA GLY B 201 -4.22 14.97 -21.52
C GLY B 201 -5.27 13.93 -21.84
N LEU B 202 -6.30 13.81 -21.01
CA LEU B 202 -7.39 12.89 -21.32
C LEU B 202 -8.12 13.34 -22.58
N VAL B 203 -8.61 14.58 -22.59
CA VAL B 203 -9.19 15.18 -23.79
C VAL B 203 -8.14 16.07 -24.43
N ASP B 204 -8.26 16.26 -25.74
CA ASP B 204 -7.25 16.96 -26.51
C ASP B 204 -7.59 18.42 -26.79
N GLU B 205 -8.87 18.77 -26.89
CA GLU B 205 -9.27 20.14 -27.10
C GLU B 205 -10.66 20.35 -26.55
N LEU B 206 -11.05 21.62 -26.41
CA LEU B 206 -12.32 21.99 -25.82
C LEU B 206 -13.09 22.90 -26.76
N VAL B 207 -14.42 22.83 -26.65
CA VAL B 207 -15.33 23.74 -27.36
C VAL B 207 -16.35 24.26 -26.35
N ALA B 208 -16.92 25.42 -26.67
CA ALA B 208 -17.82 26.09 -25.73
C ALA B 208 -19.18 25.39 -25.66
N THR B 209 -19.74 25.05 -26.82
CA THR B 209 -21.09 24.50 -26.89
C THR B 209 -21.05 23.07 -27.42
N VAL B 210 -22.03 22.27 -26.99
CA VAL B 210 -22.18 20.91 -27.52
C VAL B 210 -22.66 20.93 -28.97
N GLU B 211 -23.24 22.05 -29.42
CA GLU B 211 -23.65 22.15 -30.82
C GLU B 211 -22.45 22.20 -31.76
N GLU B 212 -21.35 22.83 -31.32
CA GLU B 212 -20.13 22.90 -32.10
C GLU B 212 -19.18 21.74 -31.83
N LEU B 213 -19.67 20.69 -31.16
CA LEU B 213 -18.81 19.57 -30.80
C LEU B 213 -18.57 18.64 -31.98
N VAL B 214 -19.63 18.10 -32.56
CA VAL B 214 -19.53 17.18 -33.70
C VAL B 214 -19.01 17.89 -34.93
N PRO B 215 -19.47 19.12 -35.27
CA PRO B 215 -18.84 19.83 -36.39
C PRO B 215 -17.33 20.01 -36.23
N ALA B 216 -16.86 20.30 -35.02
CA ALA B 216 -15.43 20.40 -34.79
C ALA B 216 -14.76 19.02 -34.88
N ALA B 217 -15.49 17.96 -34.57
CA ALA B 217 -14.93 16.62 -34.70
C ALA B 217 -14.70 16.26 -36.16
N LYS B 218 -15.62 16.63 -37.05
CA LYS B 218 -15.42 16.39 -38.46
C LYS B 218 -14.39 17.34 -39.05
N ALA B 219 -14.30 18.56 -38.54
CA ALA B 219 -13.29 19.50 -39.02
C ALA B 219 -11.89 19.00 -38.70
N TRP B 220 -11.71 18.41 -37.52
CA TRP B 220 -10.40 17.85 -37.16
C TRP B 220 -10.05 16.66 -38.04
N ILE B 221 -11.05 15.89 -38.48
CA ILE B 221 -10.77 14.72 -39.32
C ILE B 221 -10.23 15.16 -40.67
N LYS B 222 -10.91 16.13 -41.31
CA LYS B 222 -10.41 16.65 -42.58
C LYS B 222 -9.04 17.27 -42.41
N GLU B 223 -8.82 17.98 -41.30
CA GLU B 223 -7.52 18.61 -41.07
C GLU B 223 -6.44 17.57 -40.81
N GLU B 224 -6.80 16.48 -40.10
CA GLU B 224 -5.82 15.43 -39.83
C GLU B 224 -5.43 14.69 -41.10
N LEU B 225 -6.40 14.45 -42.00
CA LEU B 225 -6.09 13.72 -43.23
C LEU B 225 -5.25 14.56 -44.18
N LYS B 226 -5.40 15.88 -44.16
CA LYS B 226 -4.67 16.74 -45.08
C LYS B 226 -3.25 17.00 -44.60
N ALA B 227 -3.08 17.31 -43.31
CA ALA B 227 -1.79 17.67 -42.76
C ALA B 227 -0.96 16.48 -42.29
N ASN B 228 -1.57 15.30 -42.16
CA ASN B 228 -0.84 14.12 -41.72
C ASN B 228 -1.52 12.87 -42.26
N PRO B 229 -1.31 12.51 -43.54
CA PRO B 229 -2.01 11.34 -44.09
C PRO B 229 -1.42 10.02 -43.65
N ASP B 230 -0.09 9.98 -43.51
CA ASP B 230 0.58 8.73 -43.14
C ASP B 230 0.27 8.33 -41.71
N GLY B 231 0.24 9.28 -40.79
CA GLY B 231 -0.03 9.01 -39.40
C GLY B 231 -1.47 9.15 -38.98
N ALA B 232 -2.40 9.29 -39.92
CA ALA B 232 -3.81 9.44 -39.58
C ALA B 232 -4.38 8.11 -39.09
N GLY B 233 -5.09 8.16 -37.97
CA GLY B 233 -5.71 6.97 -37.43
C GLY B 233 -4.75 5.96 -36.82
N VAL B 234 -3.61 6.43 -36.33
CA VAL B 234 -2.62 5.57 -35.69
C VAL B 234 -2.32 6.13 -34.30
N GLN B 235 -2.49 5.30 -33.28
CA GLN B 235 -2.18 5.70 -31.93
C GLN B 235 -0.67 5.74 -31.72
N PRO B 236 -0.20 6.56 -30.77
CA PRO B 236 1.25 6.65 -30.56
C PRO B 236 1.91 5.32 -30.23
N TRP B 237 1.24 4.47 -29.45
CA TRP B 237 1.81 3.17 -29.11
C TRP B 237 1.79 2.18 -30.28
N ASP B 238 1.09 2.51 -31.37
CA ASP B 238 1.09 1.66 -32.56
C ASP B 238 2.16 2.04 -33.55
N LYS B 239 2.90 3.12 -33.31
CA LYS B 239 4.01 3.52 -34.18
C LYS B 239 5.30 2.85 -33.76
N LYS B 240 6.17 2.60 -34.73
CA LYS B 240 7.50 2.10 -34.44
C LYS B 240 8.30 3.17 -33.71
N GLY B 241 9.08 2.75 -32.72
CA GLY B 241 9.83 3.69 -31.92
C GLY B 241 9.03 4.43 -30.89
N TYR B 242 7.90 3.87 -30.45
CA TYR B 242 7.11 4.49 -29.39
C TYR B 242 7.85 4.43 -28.06
N LYS B 243 7.91 5.55 -27.36
CA LYS B 243 8.56 5.63 -26.05
C LYS B 243 7.52 5.92 -24.99
N MET B 244 7.34 4.96 -24.08
CA MET B 244 6.38 5.13 -23.00
C MET B 244 6.83 6.28 -22.09
N PRO B 245 5.94 7.21 -21.75
CA PRO B 245 6.32 8.30 -20.84
C PRO B 245 6.79 7.75 -19.49
N GLY B 246 7.99 8.16 -19.09
CA GLY B 246 8.59 7.64 -17.88
C GLY B 246 9.26 6.28 -18.03
N GLY B 247 9.30 5.73 -19.23
CA GLY B 247 9.99 4.48 -19.48
C GLY B 247 9.15 3.26 -19.16
N THR B 248 9.69 2.11 -19.54
CA THR B 248 9.13 0.80 -19.24
C THR B 248 9.82 0.22 -18.01
N PRO B 249 9.27 -0.86 -17.43
CA PRO B 249 9.92 -1.47 -16.26
C PRO B 249 11.37 -1.91 -16.50
N SER B 250 11.82 -1.99 -17.75
CA SER B 250 13.21 -2.33 -18.05
C SER B 250 14.12 -1.11 -18.12
N SER B 251 13.55 0.10 -18.22
CA SER B 251 14.37 1.30 -18.27
C SER B 251 15.05 1.51 -16.91
N PRO B 252 16.31 1.96 -16.90
CA PRO B 252 17.00 2.14 -15.61
C PRO B 252 16.42 3.24 -14.76
N GLY B 253 15.76 4.23 -15.37
CA GLY B 253 15.17 5.30 -14.58
C GLY B 253 13.93 4.84 -13.83
N LEU B 254 13.03 4.15 -14.52
CA LEU B 254 11.80 3.69 -13.86
C LEU B 254 12.07 2.53 -12.92
N ALA B 255 12.94 1.59 -13.32
CA ALA B 255 13.24 0.45 -12.48
C ALA B 255 13.92 0.85 -11.18
N ALA B 256 14.52 2.04 -11.12
CA ALA B 256 15.16 2.49 -9.89
C ALA B 256 14.15 2.84 -8.82
N ILE B 257 12.94 3.27 -9.21
CA ILE B 257 11.90 3.61 -8.26
C ILE B 257 10.73 2.63 -8.28
N LEU B 258 10.71 1.70 -9.24
CA LEU B 258 9.63 0.72 -9.31
C LEU B 258 9.45 -0.10 -8.04
N PRO B 259 10.50 -0.51 -7.31
CA PRO B 259 10.26 -1.24 -6.06
C PRO B 259 9.51 -0.44 -5.00
N SER B 260 9.45 0.88 -5.10
CA SER B 260 8.72 1.68 -4.13
C SER B 260 7.24 1.84 -4.48
N PHE B 261 6.83 1.44 -5.69
CA PHE B 261 5.42 1.59 -6.06
C PHE B 261 4.51 0.68 -5.24
N PRO B 262 4.80 -0.60 -5.04
CA PRO B 262 3.93 -1.41 -4.16
C PRO B 262 4.03 -1.04 -2.70
N SER B 263 5.22 -0.64 -2.23
CA SER B 263 5.38 -0.30 -0.82
C SER B 263 4.62 0.98 -0.48
N ASN B 264 4.65 1.97 -1.37
CA ASN B 264 3.87 3.17 -1.12
C ASN B 264 2.37 2.89 -1.23
N LEU B 265 2.00 1.88 -2.01
CA LEU B 265 0.59 1.48 -2.06
C LEU B 265 0.15 0.88 -0.74
N ARG B 266 0.97 -0.01 -0.16
CA ARG B 266 0.69 -0.49 1.19
C ARG B 266 0.70 0.65 2.20
N LYS B 267 1.53 1.67 1.96
CA LYS B 267 1.53 2.85 2.84
C LYS B 267 0.19 3.54 2.82
N GLN B 268 -0.41 3.69 1.64
CA GLN B 268 -1.71 4.38 1.55
C GLN B 268 -2.84 3.49 2.05
N LEU B 269 -2.84 2.22 1.65
CA LEU B 269 -3.89 1.30 2.08
C LEU B 269 -3.72 0.85 3.52
N LYS B 270 -2.55 1.11 4.14
CA LYS B 270 -2.31 0.78 5.55
C LYS B 270 -2.44 -0.71 5.82
N GLY B 271 -2.25 -1.53 4.79
CA GLY B 271 -2.34 -2.96 4.93
C GLY B 271 -3.73 -3.53 4.87
N ALA B 272 -4.73 -2.73 4.51
CA ALA B 272 -6.09 -3.23 4.45
C ALA B 272 -6.24 -4.23 3.31
N PRO B 273 -7.05 -5.28 3.49
CA PRO B 273 -7.20 -6.32 2.46
C PRO B 273 -8.08 -5.87 1.30
N MET B 274 -7.65 -4.81 0.62
CA MET B 274 -8.37 -4.32 -0.55
C MET B 274 -7.60 -4.74 -1.80
N PRO B 275 -8.11 -5.67 -2.61
CA PRO B 275 -7.29 -6.27 -3.66
C PRO B 275 -7.27 -5.48 -4.96
N ALA B 276 -8.28 -4.64 -5.20
CA ALA B 276 -8.37 -3.93 -6.47
C ALA B 276 -7.18 -3.00 -6.70
N PRO B 277 -6.73 -2.17 -5.75
CA PRO B 277 -5.56 -1.32 -6.03
C PRO B 277 -4.30 -2.12 -6.35
N ARG B 278 -4.12 -3.27 -5.71
CA ARG B 278 -2.97 -4.13 -6.03
C ARG B 278 -3.10 -4.71 -7.44
N ALA B 279 -4.31 -5.13 -7.83
CA ALA B 279 -4.50 -5.70 -9.15
C ALA B 279 -4.28 -4.66 -10.24
N ILE B 280 -4.72 -3.42 -10.01
CA ILE B 280 -4.51 -2.37 -11.00
C ILE B 280 -3.02 -2.10 -11.20
N LEU B 281 -2.27 -2.03 -10.10
CA LEU B 281 -0.84 -1.79 -10.20
C LEU B 281 -0.12 -2.96 -10.87
N ALA B 282 -0.52 -4.19 -10.54
CA ALA B 282 0.08 -5.36 -11.16
C ALA B 282 -0.20 -5.39 -12.66
N ALA B 283 -1.45 -5.17 -13.05
CA ALA B 283 -1.81 -5.19 -14.46
C ALA B 283 -1.13 -4.07 -15.23
N ALA B 284 -0.93 -2.92 -14.60
CA ALA B 284 -0.32 -1.80 -15.30
C ALA B 284 1.14 -2.07 -15.61
N VAL B 285 1.88 -2.59 -14.62
CA VAL B 285 3.31 -2.82 -14.81
C VAL B 285 3.54 -4.00 -15.73
N GLU B 286 2.81 -5.10 -15.52
CA GLU B 286 2.95 -6.28 -16.38
C GLU B 286 2.53 -5.97 -17.82
N GLY B 287 1.58 -5.05 -18.00
CA GLY B 287 1.17 -4.67 -19.34
C GLY B 287 2.22 -3.88 -20.08
N ALA B 288 3.01 -3.09 -19.36
CA ALA B 288 4.05 -2.27 -19.98
C ALA B 288 5.28 -3.07 -20.39
N GLN B 289 5.38 -4.33 -19.98
CA GLN B 289 6.49 -5.19 -20.38
C GLN B 289 6.25 -5.93 -21.68
N VAL B 290 5.02 -5.89 -22.21
CA VAL B 290 4.64 -6.66 -23.39
C VAL B 290 3.95 -5.72 -24.38
N ASP B 291 3.53 -6.29 -25.51
CA ASP B 291 2.85 -5.53 -26.54
C ASP B 291 1.46 -5.12 -26.06
N PHE B 292 0.82 -4.24 -26.83
CA PHE B 292 -0.47 -3.69 -26.44
C PHE B 292 -1.54 -4.77 -26.38
N ASP B 293 -1.57 -5.67 -27.36
CA ASP B 293 -2.61 -6.69 -27.39
C ASP B 293 -2.42 -7.71 -26.28
N THR B 294 -1.18 -8.06 -25.96
CA THR B 294 -0.93 -8.95 -24.83
C THR B 294 -1.26 -8.25 -23.51
N ALA B 295 -1.00 -6.94 -23.42
CA ALA B 295 -1.34 -6.20 -22.21
C ALA B 295 -2.84 -6.19 -21.96
N SER B 296 -3.64 -6.06 -23.03
CA SER B 296 -5.08 -6.07 -22.87
C SER B 296 -5.56 -7.39 -22.27
N ARG B 297 -4.97 -8.51 -22.71
CA ARG B 297 -5.38 -9.81 -22.16
C ARG B 297 -5.02 -9.92 -20.69
N ILE B 298 -3.81 -9.49 -20.31
CA ILE B 298 -3.42 -9.47 -18.90
C ILE B 298 -4.41 -8.62 -18.10
N GLU B 299 -4.80 -7.48 -18.65
CA GLU B 299 -5.80 -6.63 -17.99
C GLU B 299 -7.12 -7.37 -17.80
N SER B 300 -7.51 -8.21 -18.77
CA SER B 300 -8.76 -8.93 -18.65
C SER B 300 -8.70 -9.98 -17.56
N ARG B 301 -7.54 -10.63 -17.38
CA ARG B 301 -7.45 -11.68 -16.37
C ARG B 301 -7.51 -11.12 -14.96
N TYR B 302 -6.97 -9.92 -14.75
CA TYR B 302 -7.09 -9.29 -13.43
C TYR B 302 -8.51 -8.78 -13.19
N PHE B 303 -9.19 -8.32 -14.24
CA PHE B 303 -10.57 -7.89 -14.08
C PHE B 303 -11.47 -9.05 -13.67
N ALA B 304 -11.31 -10.20 -14.32
CA ALA B 304 -12.08 -11.38 -13.94
C ALA B 304 -11.74 -11.83 -12.53
N SER B 305 -10.50 -11.58 -12.08
CA SER B 305 -10.11 -11.97 -10.73
C SER B 305 -10.84 -11.17 -9.67
N LEU B 306 -11.20 -9.92 -9.98
CA LEU B 306 -11.89 -9.05 -9.04
C LEU B 306 -13.40 -9.25 -9.05
N VAL B 307 -14.00 -9.35 -10.24
CA VAL B 307 -15.46 -9.47 -10.34
C VAL B 307 -15.95 -10.72 -9.61
N THR B 308 -15.20 -11.81 -9.70
CA THR B 308 -15.57 -13.04 -9.01
C THR B 308 -15.21 -13.02 -7.53
N GLY B 309 -14.46 -12.01 -7.07
CA GLY B 309 -14.08 -11.95 -5.67
C GLY B 309 -15.17 -11.38 -4.78
N GLN B 310 -15.03 -11.64 -3.48
CA GLN B 310 -16.04 -11.22 -2.52
C GLN B 310 -15.97 -9.74 -2.21
N VAL B 311 -14.77 -9.14 -2.24
CA VAL B 311 -14.64 -7.72 -1.89
C VAL B 311 -15.38 -6.86 -2.91
N ALA B 312 -15.25 -7.17 -4.20
CA ALA B 312 -15.94 -6.40 -5.22
C ALA B 312 -17.45 -6.54 -5.11
N LYS B 313 -17.94 -7.71 -4.65
CA LYS B 313 -19.37 -7.86 -4.43
C LYS B 313 -19.85 -7.03 -3.24
N ASN B 314 -19.00 -6.89 -2.22
CA ASN B 314 -19.32 -6.01 -1.10
C ASN B 314 -19.43 -4.56 -1.56
N MET B 315 -18.43 -4.09 -2.31
CA MET B 315 -18.37 -2.68 -2.69
C MET B 315 -19.39 -2.31 -3.76
N MET B 316 -19.67 -3.23 -4.69
CA MET B 316 -20.76 -3.01 -5.62
C MET B 316 -22.11 -2.97 -4.89
N GLN B 317 -22.24 -3.80 -3.85
CA GLN B 317 -23.48 -3.80 -3.06
C GLN B 317 -23.69 -2.49 -2.32
N ALA B 318 -22.61 -1.93 -1.74
CA ALA B 318 -22.74 -0.72 -0.94
C ALA B 318 -22.67 0.55 -1.78
N PHE B 319 -21.61 0.71 -2.58
CA PHE B 319 -21.38 1.95 -3.31
C PHE B 319 -22.17 2.04 -4.60
N PHE B 320 -23.02 1.07 -4.91
CA PHE B 320 -23.91 1.20 -6.05
C PHE B 320 -25.36 0.95 -5.64
N PHE B 321 -25.66 -0.26 -5.16
CA PHE B 321 -27.05 -0.60 -4.87
C PHE B 321 -27.55 0.12 -3.63
N ASP B 322 -26.82 0.04 -2.52
CA ASP B 322 -27.28 0.66 -1.28
C ASP B 322 -27.32 2.18 -1.40
N LEU B 323 -26.33 2.77 -2.09
CA LEU B 323 -26.31 4.22 -2.23
C LEU B 323 -27.38 4.71 -3.18
N GLN B 324 -27.70 3.94 -4.22
CA GLN B 324 -28.77 4.32 -5.14
C GLN B 324 -30.13 4.22 -4.47
N ALA B 325 -30.33 3.20 -3.64
CA ALA B 325 -31.60 3.06 -2.92
C ALA B 325 -31.80 4.18 -1.91
N ILE B 326 -30.72 4.69 -1.32
CA ILE B 326 -30.85 5.80 -0.38
C ILE B 326 -31.21 7.08 -1.11
N ASN B 327 -30.51 7.38 -2.20
CA ASN B 327 -30.79 8.57 -2.98
C ASN B 327 -32.18 8.52 -3.64
N ALA B 328 -32.76 7.33 -3.76
CA ALA B 328 -34.12 7.18 -4.27
C ALA B 328 -35.18 7.44 -3.21
N GLY B 329 -34.79 7.96 -2.04
CA GLY B 329 -35.75 8.21 -0.98
C GLY B 329 -36.31 6.95 -0.34
N GLY B 330 -35.47 5.94 -0.14
CA GLY B 330 -35.96 4.70 0.44
C GLY B 330 -36.42 4.87 1.88
N SER B 331 -35.59 5.47 2.71
CA SER B 331 -35.93 5.71 4.11
C SER B 331 -36.79 6.96 4.30
N ARG B 332 -37.03 7.71 3.24
CA ARG B 332 -37.93 8.86 3.34
C ARG B 332 -39.38 8.40 3.32
N PRO B 333 -40.24 8.98 4.16
CA PRO B 333 -41.65 8.58 4.15
C PRO B 333 -42.34 9.02 2.87
N GLU B 334 -43.01 8.08 2.21
CA GLU B 334 -43.66 8.36 0.96
C GLU B 334 -45.02 9.02 1.18
N GLY B 335 -45.39 9.92 0.27
CA GLY B 335 -46.65 10.63 0.31
C GLY B 335 -46.51 12.11 0.57
N ILE B 336 -45.43 12.52 1.24
CA ILE B 336 -45.21 13.92 1.59
C ILE B 336 -44.54 14.62 0.42
N GLY B 337 -45.04 15.83 0.10
CA GLY B 337 -44.47 16.64 -0.96
C GLY B 337 -43.15 17.28 -0.57
N LYS B 338 -42.88 18.43 -1.17
CA LYS B 338 -41.63 19.15 -0.95
C LYS B 338 -41.94 20.54 -0.40
N THR B 339 -41.36 20.86 0.75
CA THR B 339 -41.46 22.19 1.34
C THR B 339 -40.11 22.89 1.27
N PRO B 340 -40.09 24.19 1.00
CA PRO B 340 -38.84 24.90 0.75
C PRO B 340 -38.13 25.30 2.05
N ILE B 341 -36.97 25.94 1.88
CA ILE B 341 -36.17 26.43 2.99
C ILE B 341 -35.80 27.88 2.69
N LYS B 342 -36.27 28.81 3.52
CA LYS B 342 -36.04 30.22 3.25
C LYS B 342 -34.70 30.69 3.80
N ARG B 343 -34.45 30.43 5.09
CA ARG B 343 -33.20 30.83 5.72
C ARG B 343 -32.87 29.84 6.82
N ILE B 344 -31.61 29.41 6.85
CA ILE B 344 -31.14 28.44 7.83
C ILE B 344 -30.49 29.17 9.00
N GLY B 345 -30.71 28.67 10.21
CA GLY B 345 -30.08 29.22 11.39
C GLY B 345 -29.24 28.20 12.13
N VAL B 346 -27.94 28.45 12.23
CA VAL B 346 -27.01 27.56 12.93
C VAL B 346 -26.74 28.12 14.31
N LEU B 347 -26.76 27.25 15.32
CA LEU B 347 -26.50 27.62 16.70
C LEU B 347 -25.19 26.99 17.15
N GLY B 348 -24.26 27.83 17.60
CA GLY B 348 -22.95 27.36 18.01
C GLY B 348 -21.95 27.34 16.87
N ALA B 349 -21.01 28.29 16.88
CA ALA B 349 -20.00 28.41 15.83
C ALA B 349 -18.77 27.56 16.12
N GLY B 350 -18.92 26.43 16.78
CA GLY B 350 -17.81 25.52 17.01
C GLY B 350 -17.34 24.86 15.72
N MET B 351 -16.46 23.87 15.88
CA MET B 351 -15.88 23.22 14.72
C MET B 351 -16.95 22.50 13.89
N MET B 352 -17.87 21.80 14.56
CA MET B 352 -18.99 21.19 13.84
C MET B 352 -19.93 22.25 13.28
N GLY B 353 -20.36 23.19 14.13
CA GLY B 353 -21.33 24.19 13.72
C GLY B 353 -20.81 25.11 12.61
N ALA B 354 -19.52 25.41 12.62
CA ALA B 354 -18.96 26.27 11.57
C ALA B 354 -19.08 25.61 10.21
N GLY B 355 -18.89 24.29 10.14
CA GLY B 355 -18.99 23.60 8.87
C GLY B 355 -20.41 23.54 8.35
N ILE B 356 -21.39 23.35 9.24
CA ILE B 356 -22.78 23.31 8.80
C ILE B 356 -23.16 24.61 8.10
N ALA B 357 -22.67 25.73 8.61
CA ALA B 357 -22.87 27.00 7.91
C ALA B 357 -22.16 27.01 6.57
N TYR B 358 -21.09 26.24 6.43
CA TYR B 358 -20.36 26.21 5.17
C TYR B 358 -21.05 25.32 4.13
N VAL B 359 -21.38 24.08 4.51
CA VAL B 359 -22.01 23.18 3.55
C VAL B 359 -23.42 23.65 3.20
N SER B 360 -24.07 24.37 4.11
CA SER B 360 -25.37 24.96 3.77
C SER B 360 -25.19 26.11 2.79
N ALA B 361 -24.22 26.99 3.05
CA ALA B 361 -23.97 28.11 2.15
C ALA B 361 -23.39 27.63 0.81
N LYS B 362 -22.61 26.55 0.83
CA LYS B 362 -22.08 26.01 -0.42
C LYS B 362 -23.18 25.48 -1.31
N ALA B 363 -24.28 25.01 -0.73
CA ALA B 363 -25.43 24.54 -1.49
C ALA B 363 -26.37 25.68 -1.87
N GLY B 364 -25.96 26.93 -1.69
CA GLY B 364 -26.78 28.07 -2.05
C GLY B 364 -27.77 28.52 -1.00
N TYR B 365 -27.71 27.97 0.21
CA TYR B 365 -28.63 28.35 1.28
C TYR B 365 -28.07 29.54 2.04
N GLU B 366 -28.88 30.57 2.21
CA GLU B 366 -28.49 31.75 2.99
C GLU B 366 -28.69 31.45 4.46
N VAL B 367 -27.60 31.34 5.20
CA VAL B 367 -27.61 30.85 6.57
C VAL B 367 -27.09 31.93 7.51
N VAL B 368 -27.70 32.04 8.68
CA VAL B 368 -27.24 32.96 9.73
C VAL B 368 -26.60 32.13 10.83
N LEU B 369 -25.34 32.41 11.12
CA LEU B 369 -24.57 31.68 12.12
C LEU B 369 -24.53 32.49 13.40
N LYS B 370 -25.20 32.00 14.45
CA LYS B 370 -25.26 32.69 15.73
C LYS B 370 -24.50 31.89 16.78
N ASP B 371 -23.77 32.61 17.63
CA ASP B 371 -23.06 32.01 18.76
C ASP B 371 -23.23 32.93 19.96
N VAL B 372 -22.51 32.62 21.04
CA VAL B 372 -22.63 33.41 22.27
C VAL B 372 -22.10 34.82 22.05
N SER B 373 -20.83 34.94 21.69
CA SER B 373 -20.22 36.22 21.39
C SER B 373 -19.99 36.35 19.89
N LEU B 374 -19.90 37.59 19.43
CA LEU B 374 -19.66 37.84 18.00
C LEU B 374 -18.28 37.34 17.58
N GLU B 375 -17.30 37.38 18.49
CA GLU B 375 -15.97 36.90 18.16
C GLU B 375 -15.98 35.40 17.86
N ALA B 376 -16.85 34.65 18.52
CA ALA B 376 -16.97 33.22 18.24
C ALA B 376 -17.64 32.97 16.89
N ALA B 377 -18.59 33.82 16.51
CA ALA B 377 -19.28 33.63 15.24
C ALA B 377 -18.38 33.93 14.06
N ALA B 378 -17.50 34.92 14.21
CA ALA B 378 -16.59 35.26 13.11
C ALA B 378 -15.56 34.16 12.88
N LYS B 379 -15.09 33.53 13.96
CA LYS B 379 -14.17 32.40 13.81
C LYS B 379 -14.85 31.21 13.16
N GLY B 380 -16.16 31.05 13.35
CA GLY B 380 -16.88 30.01 12.66
C GLY B 380 -16.96 30.25 11.17
N LYS B 381 -17.25 31.50 10.78
CA LYS B 381 -17.20 31.84 9.35
C LYS B 381 -15.78 31.75 8.82
N GLY B 382 -14.77 31.95 9.67
CA GLY B 382 -13.39 31.83 9.22
C GLY B 382 -13.02 30.40 8.88
N TYR B 383 -13.74 29.43 9.46
CA TYR B 383 -13.52 28.03 9.10
C TYR B 383 -13.88 27.80 7.64
N SER B 384 -14.94 28.47 7.16
CA SER B 384 -15.34 28.34 5.77
C SER B 384 -14.37 29.06 4.84
N GLU B 385 -13.84 30.20 5.29
CA GLU B 385 -12.89 30.95 4.48
C GLU B 385 -11.54 30.22 4.39
N LYS B 386 -11.13 29.54 5.47
CA LYS B 386 -9.93 28.71 5.40
C LYS B 386 -10.10 27.59 4.37
N LEU B 387 -11.30 27.00 4.32
CA LEU B 387 -11.58 25.96 3.34
C LEU B 387 -11.70 26.53 1.93
N GLU B 388 -11.96 27.83 1.79
CA GLU B 388 -12.07 28.45 0.49
C GLU B 388 -10.75 28.99 -0.03
N ALA B 389 -9.82 29.34 0.86
CA ALA B 389 -8.48 29.70 0.41
C ALA B 389 -7.80 28.53 -0.28
N LYS B 390 -8.05 27.31 0.21
CA LYS B 390 -7.53 26.11 -0.41
C LYS B 390 -8.29 25.71 -1.66
N ALA B 391 -9.32 26.46 -2.05
CA ALA B 391 -10.12 26.15 -3.22
C ALA B 391 -10.12 27.27 -4.26
N LEU B 392 -10.14 28.53 -3.83
CA LEU B 392 -10.21 29.63 -4.78
C LEU B 392 -8.87 29.86 -5.48
N GLU B 393 -7.78 29.88 -4.70
CA GLU B 393 -6.45 30.16 -5.25
C GLU B 393 -5.45 29.08 -4.88
N ARG B 394 -5.89 27.82 -4.81
CA ARG B 394 -4.99 26.72 -4.53
C ARG B 394 -5.28 25.54 -5.46
N GLY B 395 -6.34 24.79 -5.18
CA GLY B 395 -6.77 23.72 -6.04
C GLY B 395 -7.55 24.16 -7.27
N ARG B 396 -7.83 25.45 -7.38
CA ARG B 396 -8.57 26.01 -8.53
C ARG B 396 -9.95 25.36 -8.68
N THR B 397 -10.55 24.94 -7.57
CA THR B 397 -11.87 24.34 -7.60
C THR B 397 -12.99 25.35 -7.48
N THR B 398 -12.73 26.48 -6.81
CA THR B 398 -13.73 27.52 -6.61
C THR B 398 -13.60 28.58 -7.71
N GLN B 399 -14.14 29.76 -7.45
CA GLN B 399 -14.18 30.87 -8.41
C GLN B 399 -14.58 32.12 -7.63
N GLU B 400 -14.93 33.18 -8.36
CA GLU B 400 -15.49 34.38 -7.72
C GLU B 400 -16.87 34.12 -7.12
N ARG B 401 -17.43 32.92 -7.29
CA ARG B 401 -18.72 32.57 -6.68
C ARG B 401 -18.60 32.32 -5.19
N SER B 402 -17.43 31.89 -4.71
CA SER B 402 -17.22 31.66 -3.29
C SER B 402 -17.43 32.92 -2.47
N ASP B 403 -17.33 34.10 -3.08
CA ASP B 403 -17.70 35.33 -2.38
C ASP B 403 -19.18 35.35 -2.05
N ALA B 404 -20.02 34.85 -2.97
CA ALA B 404 -21.44 34.73 -2.70
C ALA B 404 -21.73 33.63 -1.69
N LEU B 405 -20.88 32.60 -1.65
CA LEU B 405 -20.98 31.59 -0.61
C LEU B 405 -20.81 32.22 0.77
N LEU B 406 -19.80 33.09 0.90
CA LEU B 406 -19.55 33.78 2.16
C LEU B 406 -20.52 34.93 2.39
N ALA B 407 -21.16 35.45 1.33
CA ALA B 407 -22.21 36.43 1.50
C ALA B 407 -23.48 35.80 2.06
N ARG B 408 -23.63 34.48 1.93
CA ARG B 408 -24.78 33.80 2.52
C ARG B 408 -24.65 33.69 4.03
N ILE B 409 -23.44 33.44 4.53
CA ILE B 409 -23.19 33.33 5.96
C ILE B 409 -23.15 34.73 6.55
N THR B 410 -24.13 35.05 7.41
CA THR B 410 -24.21 36.35 8.09
C THR B 410 -24.08 36.10 9.58
N PRO B 411 -22.86 36.11 10.12
CA PRO B 411 -22.70 35.84 11.56
C PRO B 411 -23.33 36.93 12.41
N THR B 412 -23.73 36.55 13.61
CA THR B 412 -24.38 37.46 14.55
C THR B 412 -24.34 36.86 15.94
N ALA B 413 -24.69 37.68 16.93
CA ALA B 413 -24.84 37.23 18.31
C ALA B 413 -26.22 37.50 18.88
N ASP B 414 -27.03 38.32 18.21
CA ASP B 414 -28.37 38.62 18.69
C ASP B 414 -29.33 37.51 18.29
N ALA B 415 -30.16 37.09 19.24
CA ALA B 415 -31.15 36.05 18.94
C ALA B 415 -32.29 36.57 18.07
N ALA B 416 -32.49 37.90 18.01
CA ALA B 416 -33.53 38.47 17.17
C ALA B 416 -33.19 38.42 15.68
N ASP B 417 -31.96 38.05 15.33
CA ASP B 417 -31.57 37.92 13.93
C ASP B 417 -32.10 36.65 13.27
N PHE B 418 -32.79 35.80 14.02
CA PHE B 418 -33.40 34.59 13.48
C PHE B 418 -34.80 34.83 12.92
N LYS B 419 -35.18 36.09 12.74
CA LYS B 419 -36.50 36.40 12.19
C LYS B 419 -36.58 35.93 10.74
N GLY B 420 -37.48 34.98 10.47
CA GLY B 420 -37.63 34.42 9.15
C GLY B 420 -36.82 33.17 8.89
N VAL B 421 -36.25 32.55 9.92
CA VAL B 421 -35.46 31.35 9.74
C VAL B 421 -36.40 30.14 9.69
N ASP B 422 -36.30 29.37 8.60
CA ASP B 422 -37.16 28.20 8.41
C ASP B 422 -36.52 26.92 8.92
N PHE B 423 -35.19 26.84 8.91
CA PHE B 423 -34.47 25.64 9.30
C PHE B 423 -33.47 26.01 10.40
N VAL B 424 -33.64 25.41 11.58
CA VAL B 424 -32.79 25.71 12.73
C VAL B 424 -31.99 24.45 13.05
N ILE B 425 -30.68 24.52 12.90
CA ILE B 425 -29.77 23.45 13.29
C ILE B 425 -28.90 23.97 14.43
N GLU B 426 -28.81 23.20 15.51
CA GLU B 426 -28.01 23.58 16.67
C GLU B 426 -26.95 22.53 16.92
N ALA B 427 -25.74 22.99 17.30
CA ALA B 427 -24.58 22.12 17.56
C ALA B 427 -23.83 22.71 18.75
N VAL B 428 -24.40 22.52 19.94
CA VAL B 428 -23.83 23.05 21.17
C VAL B 428 -23.33 21.87 22.01
N PHE B 429 -22.82 22.14 23.21
CA PHE B 429 -22.27 21.08 24.04
C PHE B 429 -23.38 20.12 24.46
N GLU B 430 -22.96 18.90 24.80
CA GLU B 430 -23.88 17.80 25.09
C GLU B 430 -24.42 17.93 26.51
N ASN B 431 -25.28 18.94 26.69
CA ASN B 431 -25.96 19.17 27.96
C ASN B 431 -27.43 19.41 27.67
N GLN B 432 -28.30 18.52 28.19
CA GLN B 432 -29.72 18.61 27.89
C GLN B 432 -30.34 19.86 28.51
N GLU B 433 -29.90 20.22 29.72
CA GLU B 433 -30.43 21.44 30.36
C GLU B 433 -30.04 22.69 29.59
N LEU B 434 -28.88 22.68 28.93
CA LEU B 434 -28.48 23.81 28.11
C LEU B 434 -29.34 23.91 26.85
N LYS B 435 -29.57 22.77 26.18
CA LYS B 435 -30.36 22.79 24.96
C LYS B 435 -31.83 23.09 25.23
N HIS B 436 -32.33 22.74 26.41
CA HIS B 436 -33.71 23.07 26.76
C HIS B 436 -33.92 24.59 26.85
N LYS B 437 -32.87 25.33 27.19
CA LYS B 437 -32.98 26.78 27.35
C LYS B 437 -32.78 27.52 26.04
N VAL B 438 -31.79 27.10 25.23
CA VAL B 438 -31.54 27.81 23.97
C VAL B 438 -32.69 27.60 23.00
N PHE B 439 -33.39 26.46 23.09
CA PHE B 439 -34.53 26.22 22.21
C PHE B 439 -35.77 26.97 22.67
N GLY B 440 -35.97 27.08 23.99
CA GLY B 440 -37.07 27.88 24.52
C GLY B 440 -36.95 29.37 24.21
N GLU B 441 -35.72 29.88 24.00
CA GLU B 441 -35.50 31.27 23.64
C GLU B 441 -35.58 31.53 22.14
N ILE B 442 -35.74 30.48 21.34
CA ILE B 442 -35.84 30.63 19.90
C ILE B 442 -37.18 30.13 19.35
N GLU B 443 -37.90 29.28 20.09
CA GLU B 443 -39.16 28.72 19.59
C GLU B 443 -40.12 29.80 19.11
N ASP B 444 -40.32 30.84 19.93
CA ASP B 444 -41.25 31.91 19.58
C ASP B 444 -40.63 32.92 18.62
N ILE B 445 -39.34 32.84 18.34
CA ILE B 445 -38.68 33.82 17.48
C ILE B 445 -38.74 33.41 16.01
N VAL B 446 -38.32 32.20 15.68
CA VAL B 446 -38.36 31.72 14.31
C VAL B 446 -39.80 31.52 13.87
N GLU B 447 -40.00 31.30 12.57
CA GLU B 447 -41.34 31.13 12.02
C GLU B 447 -42.01 29.89 12.62
N PRO B 448 -43.35 29.86 12.65
CA PRO B 448 -44.03 28.77 13.37
C PRO B 448 -43.77 27.38 12.81
N ASN B 449 -43.86 27.22 11.49
CA ASN B 449 -43.65 25.93 10.86
C ASN B 449 -42.17 25.59 10.67
N ALA B 450 -41.27 26.27 11.38
CA ALA B 450 -39.85 26.00 11.25
C ALA B 450 -39.50 24.66 11.89
N ILE B 451 -38.39 24.08 11.41
CA ILE B 451 -37.91 22.79 11.89
C ILE B 451 -36.81 23.03 12.91
N LEU B 452 -36.82 22.26 13.99
CA LEU B 452 -35.89 22.40 15.10
C LEU B 452 -34.93 21.21 15.06
N GLY B 453 -33.83 21.37 14.31
CA GLY B 453 -32.81 20.36 14.29
C GLY B 453 -31.88 20.45 15.48
N SER B 454 -31.20 19.33 15.76
CA SER B 454 -30.32 19.26 16.92
C SER B 454 -29.18 18.32 16.57
N ASN B 455 -27.99 18.88 16.32
CA ASN B 455 -26.81 18.06 16.09
C ASN B 455 -26.39 17.43 17.41
N THR B 456 -26.94 16.24 17.70
CA THR B 456 -26.69 15.56 18.95
C THR B 456 -26.24 14.14 18.65
N SER B 457 -25.20 13.68 19.34
CA SER B 457 -24.66 12.35 19.14
C SER B 457 -25.04 11.37 20.24
N THR B 458 -25.55 11.85 21.38
CA THR B 458 -25.87 10.95 22.48
C THR B 458 -27.24 11.22 23.10
N LEU B 459 -27.55 12.48 23.40
CA LEU B 459 -28.76 12.80 24.14
C LEU B 459 -29.99 12.35 23.38
N PRO B 460 -30.91 11.63 24.02
CA PRO B 460 -32.11 11.17 23.30
C PRO B 460 -32.97 12.33 22.82
N ILE B 461 -33.48 12.21 21.59
CA ILE B 461 -34.26 13.28 20.98
C ILE B 461 -35.61 13.42 21.68
N THR B 462 -36.19 12.30 22.12
CA THR B 462 -37.51 12.35 22.75
C THR B 462 -37.52 13.24 23.97
N GLY B 463 -36.56 13.05 24.87
CA GLY B 463 -36.45 13.92 26.03
C GLY B 463 -35.97 15.32 25.67
N LEU B 464 -35.16 15.43 24.62
CA LEU B 464 -34.63 16.73 24.22
C LEU B 464 -35.71 17.59 23.59
N ALA B 465 -36.74 16.98 23.01
CA ALA B 465 -37.81 17.72 22.35
C ALA B 465 -38.79 18.37 23.32
N THR B 466 -38.77 17.97 24.59
CA THR B 466 -39.75 18.51 25.54
C THR B 466 -39.55 20.00 25.82
N GLY B 467 -38.39 20.55 25.48
CA GLY B 467 -38.13 21.96 25.70
C GLY B 467 -38.91 22.90 24.82
N VAL B 468 -39.54 22.41 23.76
CA VAL B 468 -40.30 23.23 22.84
C VAL B 468 -41.75 22.74 22.81
N LYS B 469 -42.65 23.64 22.41
CA LYS B 469 -44.06 23.29 22.33
C LYS B 469 -44.37 22.46 21.10
N ARG B 470 -43.90 22.89 19.93
CA ARG B 470 -44.11 22.18 18.67
C ARG B 470 -43.11 21.04 18.57
N GLN B 471 -43.36 19.98 19.35
CA GLN B 471 -42.47 18.83 19.35
C GLN B 471 -42.48 18.08 18.02
N GLU B 472 -43.57 18.19 17.24
CA GLU B 472 -43.65 17.48 15.97
C GLU B 472 -42.66 18.03 14.94
N ASP B 473 -42.12 19.23 15.16
CA ASP B 473 -41.12 19.80 14.28
C ASP B 473 -39.70 19.70 14.84
N PHE B 474 -39.53 18.98 15.95
CA PHE B 474 -38.21 18.75 16.52
C PHE B 474 -37.61 17.48 15.94
N ILE B 475 -36.36 17.56 15.53
CA ILE B 475 -35.70 16.45 14.82
C ILE B 475 -34.22 16.46 15.20
N GLY B 476 -33.61 15.27 15.18
CA GLY B 476 -32.19 15.13 15.38
C GLY B 476 -31.47 15.05 14.05
N ILE B 477 -30.59 16.03 13.81
CA ILE B 477 -29.84 16.12 12.57
C ILE B 477 -28.37 16.00 12.95
N HIS B 478 -27.84 14.78 12.91
CA HIS B 478 -26.51 14.47 13.41
C HIS B 478 -25.49 14.61 12.28
N PHE B 479 -24.61 15.60 12.39
CA PHE B 479 -23.51 15.77 11.46
C PHE B 479 -22.25 15.13 12.02
N PHE B 480 -21.27 14.92 11.14
CA PHE B 480 -20.00 14.31 11.51
C PHE B 480 -18.85 15.24 11.14
N SER B 481 -17.74 15.10 11.85
CA SER B 481 -16.73 16.12 11.66
C SER B 481 -15.57 15.62 10.81
N PRO B 482 -15.08 16.44 9.87
CA PRO B 482 -15.68 17.74 9.56
C PRO B 482 -16.78 17.61 8.52
N VAL B 483 -17.92 18.29 8.73
CA VAL B 483 -19.03 18.20 7.80
C VAL B 483 -18.67 18.74 6.42
N ASP B 484 -17.56 19.46 6.30
CA ASP B 484 -17.07 19.87 4.99
C ASP B 484 -16.64 18.67 4.15
N LYS B 485 -16.23 17.58 4.79
CA LYS B 485 -15.75 16.39 4.10
C LYS B 485 -16.59 15.15 4.37
N MET B 486 -17.07 14.97 5.59
CA MET B 486 -17.88 13.79 5.91
C MET B 486 -19.24 13.90 5.24
N PRO B 487 -19.68 12.87 4.52
CA PRO B 487 -20.92 12.96 3.73
C PRO B 487 -22.18 12.39 4.37
N LEU B 488 -22.11 11.85 5.58
CA LEU B 488 -23.28 11.24 6.21
C LEU B 488 -23.98 12.22 7.13
N VAL B 489 -25.30 12.26 7.05
CA VAL B 489 -26.14 12.98 7.99
C VAL B 489 -27.12 11.99 8.60
N GLU B 490 -27.05 11.82 9.91
CA GLU B 490 -27.90 10.87 10.62
C GLU B 490 -29.14 11.61 11.12
N ILE B 491 -30.30 11.27 10.56
CA ILE B 491 -31.56 11.85 10.96
C ILE B 491 -32.19 10.96 12.02
N ILE B 492 -32.40 11.49 13.22
CA ILE B 492 -32.89 10.73 14.36
C ILE B 492 -34.33 11.14 14.63
N LYS B 493 -35.24 10.18 14.56
CA LYS B 493 -36.65 10.44 14.81
C LYS B 493 -36.94 10.44 16.30
N GLY B 494 -37.58 11.52 16.78
CA GLY B 494 -38.14 11.50 18.11
C GLY B 494 -39.47 10.77 18.14
N GLU B 495 -39.95 10.50 19.36
CA GLU B 495 -41.23 9.81 19.49
C GLU B 495 -42.37 10.65 18.94
N LYS B 496 -42.26 11.98 19.01
CA LYS B 496 -43.28 12.89 18.54
C LYS B 496 -42.93 13.55 17.21
N THR B 497 -41.82 13.16 16.59
CA THR B 497 -41.39 13.77 15.33
C THR B 497 -42.37 13.41 14.22
N SER B 498 -42.91 14.42 13.54
CA SER B 498 -43.82 14.18 12.44
C SER B 498 -43.05 13.72 11.21
N ASP B 499 -43.77 13.02 10.32
CA ASP B 499 -43.14 12.56 9.09
C ASP B 499 -42.86 13.72 8.15
N GLU B 500 -43.72 14.74 8.15
CA GLU B 500 -43.45 15.92 7.32
C GLU B 500 -42.20 16.65 7.78
N ALA B 501 -41.85 16.55 9.06
CA ALA B 501 -40.64 17.17 9.57
C ALA B 501 -39.40 16.53 8.95
N LEU B 502 -39.23 15.22 9.15
CA LEU B 502 -38.04 14.56 8.62
C LEU B 502 -38.07 14.46 7.10
N ALA B 503 -39.22 14.67 6.47
CA ALA B 503 -39.27 14.75 5.02
C ALA B 503 -38.55 16.00 4.52
N ARG B 504 -38.78 17.14 5.16
CA ARG B 504 -38.05 18.35 4.79
C ARG B 504 -36.56 18.21 5.07
N VAL B 505 -36.21 17.52 6.16
CA VAL B 505 -34.81 17.29 6.49
C VAL B 505 -34.17 16.37 5.46
N PHE B 506 -34.92 15.35 5.00
CA PHE B 506 -34.41 14.45 3.98
C PHE B 506 -34.09 15.19 2.70
N ASP B 507 -34.93 16.16 2.33
CA ASP B 507 -34.66 16.97 1.15
C ASP B 507 -33.44 17.87 1.36
N TYR B 508 -33.29 18.43 2.56
CA TYR B 508 -32.18 19.32 2.84
C TYR B 508 -30.84 18.59 2.72
N THR B 509 -30.74 17.41 3.33
CA THR B 509 -29.49 16.67 3.33
C THR B 509 -29.08 16.25 1.92
N LEU B 510 -30.06 16.02 1.04
CA LEU B 510 -29.76 15.75 -0.36
C LEU B 510 -29.36 17.01 -1.12
N ALA B 511 -29.80 18.19 -0.66
CA ALA B 511 -29.47 19.43 -1.35
C ALA B 511 -28.06 19.91 -1.00
N ILE B 512 -27.53 19.53 0.16
CA ILE B 512 -26.20 19.97 0.58
C ILE B 512 -25.17 18.93 0.15
N GLY B 513 -25.59 18.00 -0.71
CA GLY B 513 -24.66 17.02 -1.25
C GLY B 513 -24.28 15.91 -0.31
N LYS B 514 -25.15 15.54 0.62
CA LYS B 514 -24.87 14.47 1.58
C LYS B 514 -25.88 13.35 1.38
N THR B 515 -25.59 12.20 2.02
CA THR B 515 -26.46 11.04 1.95
C THR B 515 -27.09 10.81 3.31
N PRO B 516 -28.42 10.80 3.42
CA PRO B 516 -29.06 10.70 4.74
C PRO B 516 -29.44 9.28 5.14
N ILE B 517 -29.45 9.02 6.44
CA ILE B 517 -30.00 7.80 7.01
C ILE B 517 -30.98 8.19 8.10
N VAL B 518 -32.05 7.42 8.23
CA VAL B 518 -33.10 7.68 9.21
C VAL B 518 -33.03 6.62 10.29
N VAL B 519 -32.90 7.05 11.54
CA VAL B 519 -32.87 6.14 12.68
C VAL B 519 -33.89 6.60 13.71
N ASN B 520 -34.29 5.68 14.57
CA ASN B 520 -35.21 5.99 15.65
C ASN B 520 -34.44 6.31 16.93
N ASP B 521 -35.07 7.10 17.80
CA ASP B 521 -34.40 7.56 19.01
C ASP B 521 -34.09 6.38 19.93
N SER B 522 -32.83 6.25 20.32
CA SER B 522 -32.41 5.17 21.20
C SER B 522 -31.05 5.53 21.80
N ARG B 523 -30.54 4.65 22.66
CA ARG B 523 -29.22 4.85 23.23
C ARG B 523 -28.16 4.85 22.14
N GLY B 524 -27.39 5.95 22.07
CA GLY B 524 -26.30 6.07 21.13
C GLY B 524 -26.72 6.11 19.69
N PHE B 525 -28.04 6.19 19.45
CA PHE B 525 -28.64 6.19 18.12
C PHE B 525 -28.11 4.97 17.38
N PHE B 526 -27.53 5.12 16.20
CA PHE B 526 -26.86 4.04 15.49
C PHE B 526 -25.37 4.29 15.31
N THR B 527 -24.99 5.50 14.92
CA THR B 527 -23.59 5.77 14.64
C THR B 527 -22.77 5.85 15.91
N SER B 528 -23.24 6.61 16.91
CA SER B 528 -22.50 6.71 18.16
C SER B 528 -22.45 5.37 18.89
N ARG B 529 -23.55 4.61 18.84
CA ARG B 529 -23.61 3.34 19.56
C ARG B 529 -22.61 2.33 19.00
N VAL B 530 -22.41 2.31 17.68
CA VAL B 530 -21.52 1.32 17.10
C VAL B 530 -20.06 1.75 17.20
N ILE B 531 -19.79 3.06 17.19
CA ILE B 531 -18.42 3.53 17.43
C ILE B 531 -17.96 3.12 18.82
N GLY B 532 -18.85 3.23 19.80
CA GLY B 532 -18.49 2.88 21.17
C GLY B 532 -17.99 1.45 21.29
N THR B 533 -18.65 0.52 20.60
CA THR B 533 -18.19 -0.87 20.62
C THR B 533 -16.83 -1.00 19.95
N PHE B 534 -16.52 -0.13 18.98
CA PHE B 534 -15.21 -0.19 18.33
C PHE B 534 -14.11 0.31 19.25
N VAL B 535 -14.30 1.48 19.86
CA VAL B 535 -13.26 2.04 20.71
C VAL B 535 -13.13 1.25 22.01
N ASN B 536 -14.26 0.77 22.55
CA ASN B 536 -14.20 0.00 23.78
C ASN B 536 -13.54 -1.36 23.56
N GLU B 537 -13.59 -1.89 22.34
CA GLU B 537 -12.92 -3.15 22.07
C GLU B 537 -11.40 -2.97 22.07
N ALA B 538 -10.90 -1.82 21.63
CA ALA B 538 -9.47 -1.56 21.66
C ALA B 538 -8.98 -1.32 23.08
N LEU B 539 -9.73 -0.52 23.85
CA LEU B 539 -9.33 -0.23 25.21
C LEU B 539 -9.34 -1.48 26.07
N ALA B 540 -10.30 -2.38 25.83
CA ALA B 540 -10.31 -3.66 26.52
C ALA B 540 -9.05 -4.46 26.22
N MET B 541 -8.60 -4.44 24.97
CA MET B 541 -7.36 -5.14 24.62
C MET B 541 -6.16 -4.52 25.33
N LEU B 542 -6.12 -3.19 25.43
CA LEU B 542 -5.02 -2.54 26.12
C LEU B 542 -4.98 -2.93 27.59
N GLY B 543 -6.16 -3.01 28.22
CA GLY B 543 -6.23 -3.46 29.60
C GLY B 543 -5.82 -4.92 29.77
N GLU B 544 -6.04 -5.73 28.74
CA GLU B 544 -5.64 -7.13 28.76
C GLU B 544 -4.13 -7.31 28.63
N GLY B 545 -3.39 -6.27 28.27
CA GLY B 545 -1.97 -6.37 28.06
C GLY B 545 -1.52 -6.44 26.62
N VAL B 546 -2.38 -6.11 25.67
CA VAL B 546 -2.03 -6.10 24.26
C VAL B 546 -1.20 -4.86 23.96
N GLU B 547 -0.14 -5.03 23.17
CA GLU B 547 0.73 -3.91 22.81
C GLU B 547 -0.08 -2.81 22.12
N PRO B 548 0.01 -1.57 22.58
CA PRO B 548 -0.75 -0.49 21.93
C PRO B 548 -0.39 -0.28 20.48
N ALA B 549 0.87 -0.57 20.09
CA ALA B 549 1.24 -0.47 18.69
C ALA B 549 0.50 -1.50 17.85
N SER B 550 0.34 -2.72 18.38
CA SER B 550 -0.43 -3.74 17.67
C SER B 550 -1.89 -3.31 17.51
N ILE B 551 -2.45 -2.67 18.53
CA ILE B 551 -3.85 -2.22 18.47
C ILE B 551 -4.03 -1.19 17.36
N GLU B 552 -3.09 -0.25 17.26
CA GLU B 552 -3.17 0.76 16.20
C GLU B 552 -2.97 0.12 14.82
N GLN B 553 -2.04 -0.83 14.71
CA GLN B 553 -1.88 -1.54 13.45
C GLN B 553 -3.11 -2.37 13.12
N ALA B 554 -3.69 -3.03 14.13
CA ALA B 554 -4.90 -3.81 13.90
C ALA B 554 -6.05 -2.94 13.44
N GLY B 555 -6.11 -1.69 13.89
CA GLY B 555 -7.17 -0.80 13.46
C GLY B 555 -6.99 -0.34 12.02
N SER B 556 -5.77 0.05 11.65
CA SER B 556 -5.54 0.56 10.31
C SER B 556 -5.51 -0.55 9.27
N GLN B 557 -5.01 -1.74 9.63
CA GLN B 557 -5.02 -2.87 8.71
C GLN B 557 -6.42 -3.47 8.55
N ALA B 558 -7.33 -3.21 9.50
CA ALA B 558 -8.71 -3.63 9.31
C ALA B 558 -9.40 -2.80 8.23
N GLY B 559 -9.00 -1.55 8.06
CA GLY B 559 -9.58 -0.70 7.05
C GLY B 559 -10.06 0.65 7.57
N TYR B 560 -10.04 0.82 8.88
CA TYR B 560 -10.50 2.06 9.48
C TYR B 560 -9.59 3.22 9.06
N PRO B 561 -10.14 4.44 8.96
CA PRO B 561 -9.29 5.58 8.59
C PRO B 561 -8.36 6.01 9.71
N ALA B 562 -8.83 5.97 10.95
CA ALA B 562 -8.03 6.38 12.09
C ALA B 562 -7.85 5.21 13.06
N PRO B 563 -6.67 5.05 13.64
CA PRO B 563 -6.50 4.00 14.65
C PRO B 563 -7.40 4.26 15.84
N PRO B 564 -7.77 3.21 16.57
CA PRO B 564 -8.76 3.40 17.65
C PRO B 564 -8.26 4.23 18.81
N LEU B 565 -6.98 4.08 19.20
CA LEU B 565 -6.46 4.86 20.31
C LEU B 565 -6.30 6.32 19.94
N GLN B 566 -5.90 6.59 18.70
CA GLN B 566 -5.86 7.98 18.22
C GLN B 566 -7.25 8.60 18.25
N LEU B 567 -8.28 7.82 17.92
CA LEU B 567 -9.64 8.33 17.97
C LEU B 567 -10.13 8.51 19.41
N SER B 568 -9.66 7.67 20.34
CA SER B 568 -10.01 7.80 21.74
C SER B 568 -9.46 9.08 22.36
N ASP B 569 -8.55 9.77 21.67
CA ASP B 569 -8.07 11.08 22.11
C ASP B 569 -8.78 12.22 21.42
N GLU B 570 -9.16 12.05 20.15
CA GLU B 570 -10.02 13.03 19.50
C GLU B 570 -11.39 13.07 20.18
N LEU B 571 -12.07 11.93 20.24
CA LEU B 571 -13.23 11.77 21.10
C LEU B 571 -12.74 11.80 22.54
N ASN B 572 -12.98 12.91 23.23
CA ASN B 572 -12.33 13.15 24.52
C ASN B 572 -12.63 12.02 25.50
N LEU B 573 -11.56 11.54 26.17
CA LEU B 573 -11.69 10.41 27.07
C LEU B 573 -12.53 10.74 28.29
N GLU B 574 -12.64 12.01 28.66
CA GLU B 574 -13.56 12.39 29.73
C GLU B 574 -15.01 12.24 29.28
N LEU B 575 -15.31 12.66 28.05
CA LEU B 575 -16.67 12.55 27.54
C LEU B 575 -17.12 11.10 27.41
N MET B 576 -16.19 10.18 27.14
CA MET B 576 -16.54 8.76 27.11
C MET B 576 -16.96 8.29 28.49
N HIS B 577 -16.28 8.78 29.54
CA HIS B 577 -16.66 8.43 30.90
C HIS B 577 -18.05 8.96 31.25
N LYS B 578 -18.42 10.13 30.72
CA LYS B 578 -19.75 10.67 30.98
C LYS B 578 -20.82 9.85 30.27
N ILE B 579 -20.50 9.24 29.14
CA ILE B 579 -21.42 8.31 28.51
C ILE B 579 -21.56 7.04 29.33
N ALA B 580 -20.46 6.60 29.95
CA ALA B 580 -20.51 5.40 30.77
C ALA B 580 -21.41 5.57 31.98
N VAL B 581 -21.33 6.73 32.64
CA VAL B 581 -22.17 6.96 33.81
C VAL B 581 -23.61 7.26 33.39
N ALA B 582 -23.82 7.79 32.19
CA ALA B 582 -25.17 8.08 31.74
C ALA B 582 -25.94 6.82 31.38
N THR B 583 -25.27 5.87 30.71
CA THR B 583 -25.94 4.62 30.34
C THR B 583 -26.22 3.75 31.56
N ARG B 584 -25.35 3.82 32.57
CA ARG B 584 -25.60 3.08 33.80
C ARG B 584 -26.83 3.60 34.53
N LYS B 585 -26.97 4.93 34.64
CA LYS B 585 -28.12 5.51 35.32
C LYS B 585 -29.41 5.25 34.55
N GLY B 586 -29.33 5.18 33.22
CA GLY B 586 -30.54 4.93 32.44
C GLY B 586 -31.09 3.53 32.61
N VAL B 587 -30.21 2.53 32.61
CA VAL B 587 -30.67 1.14 32.77
C VAL B 587 -31.01 0.84 34.23
N GLU B 588 -30.33 1.51 35.17
CA GLU B 588 -30.64 1.29 36.58
C GLU B 588 -31.97 1.95 36.97
N ASP B 589 -32.29 3.09 36.36
CA ASP B 589 -33.59 3.72 36.60
C ASP B 589 -34.73 2.93 35.97
N ALA B 590 -34.43 2.02 35.04
CA ALA B 590 -35.43 1.16 34.44
C ALA B 590 -35.61 -0.15 35.20
N GLY B 591 -34.90 -0.33 36.32
CA GLY B 591 -35.01 -1.52 37.13
C GLY B 591 -33.96 -2.58 36.86
N GLY B 592 -33.27 -2.50 35.72
CA GLY B 592 -32.30 -3.52 35.37
C GLY B 592 -30.99 -3.39 36.13
N THR B 593 -30.16 -4.42 35.99
CA THR B 593 -28.83 -4.45 36.58
C THR B 593 -27.80 -4.16 35.49
N TYR B 594 -26.86 -3.27 35.79
CA TYR B 594 -25.88 -2.81 34.82
C TYR B 594 -24.60 -3.63 34.94
N GLN B 595 -24.20 -4.27 33.84
CA GLN B 595 -22.94 -5.02 33.80
C GLN B 595 -21.90 -4.16 33.11
N PRO B 596 -20.86 -3.70 33.80
CA PRO B 596 -19.89 -2.79 33.18
C PRO B 596 -19.09 -3.46 32.06
N HIS B 597 -18.67 -2.64 31.10
CA HIS B 597 -17.79 -3.09 30.03
C HIS B 597 -16.34 -3.07 30.52
N PRO B 598 -15.52 -4.02 30.05
CA PRO B 598 -14.11 -4.07 30.51
C PRO B 598 -13.33 -2.81 30.20
N ALA B 599 -13.70 -2.07 29.16
CA ALA B 599 -12.95 -0.87 28.78
C ALA B 599 -13.11 0.27 29.77
N GLU B 600 -14.13 0.23 30.62
CA GLU B 600 -14.37 1.35 31.54
C GLU B 600 -13.29 1.44 32.61
N ALA B 601 -12.71 0.30 33.02
CA ALA B 601 -11.59 0.35 33.94
C ALA B 601 -10.36 0.97 33.29
N VAL B 602 -10.26 0.93 31.97
CA VAL B 602 -9.13 1.54 31.27
C VAL B 602 -9.33 3.05 31.16
N VAL B 603 -10.55 3.50 30.84
CA VAL B 603 -10.79 4.93 30.72
C VAL B 603 -10.71 5.61 32.08
N GLU B 604 -11.01 4.87 33.16
CA GLU B 604 -10.89 5.46 34.50
C GLU B 604 -9.43 5.59 34.92
N LYS B 605 -8.57 4.70 34.45
CA LYS B 605 -7.15 4.79 34.78
C LYS B 605 -6.48 5.95 34.04
N MET B 606 -6.85 6.16 32.77
CA MET B 606 -6.26 7.24 32.00
C MET B 606 -6.68 8.60 32.55
N ILE B 607 -7.94 8.73 32.99
CA ILE B 607 -8.38 9.97 33.61
C ILE B 607 -7.72 10.15 34.97
N GLU B 608 -7.59 9.07 35.73
CA GLU B 608 -6.91 9.14 37.02
C GLU B 608 -5.46 9.57 36.85
N LEU B 609 -4.81 9.13 35.78
CA LEU B 609 -3.44 9.51 35.49
C LEU B 609 -3.33 10.91 34.89
N GLY B 610 -4.45 11.60 34.70
CA GLY B 610 -4.41 12.94 34.11
C GLY B 610 -4.10 12.95 32.64
N ARG B 611 -4.66 12.01 31.88
CA ARG B 611 -4.47 11.93 30.43
C ARG B 611 -5.84 11.71 29.77
N SER B 612 -6.44 12.79 29.26
CA SER B 612 -7.81 12.75 28.75
C SER B 612 -7.90 12.88 27.24
N GLY B 613 -6.80 13.17 26.55
CA GLY B 613 -6.82 13.20 25.12
C GLY B 613 -6.13 14.44 24.61
N ARG B 614 -6.54 14.86 23.41
CA ARG B 614 -5.88 15.98 22.73
C ARG B 614 -6.22 17.31 23.40
N LEU B 615 -7.41 17.44 23.98
CA LEU B 615 -7.81 18.70 24.60
C LEU B 615 -6.88 19.06 25.75
N LYS B 616 -6.69 18.13 26.70
CA LYS B 616 -5.75 18.37 27.79
C LYS B 616 -4.30 18.40 27.29
N GLY B 617 -4.04 17.83 26.11
CA GLY B 617 -2.70 17.75 25.58
C GLY B 617 -2.00 16.44 25.86
N ALA B 618 -2.66 15.49 26.52
CA ALA B 618 -2.07 14.20 26.85
C ALA B 618 -3.16 13.15 26.90
N GLY B 619 -2.94 12.04 26.19
CA GLY B 619 -3.86 10.92 26.22
C GLY B 619 -3.11 9.61 26.05
N PHE B 620 -3.52 8.80 25.07
CA PHE B 620 -2.72 7.64 24.72
C PHE B 620 -1.49 8.03 23.92
N TYR B 621 -1.61 9.06 23.08
CA TYR B 621 -0.49 9.68 22.41
C TYR B 621 -0.01 10.90 23.20
N GLU B 622 1.21 11.33 22.90
CA GLU B 622 1.74 12.56 23.43
C GLU B 622 1.58 13.66 22.39
N TYR B 623 1.39 14.89 22.86
CA TYR B 623 1.05 16.01 22.00
C TYR B 623 1.94 17.20 22.33
N ALA B 624 2.63 17.72 21.32
CA ALA B 624 3.50 18.88 21.48
C ALA B 624 3.31 19.81 20.30
N ASP B 625 3.13 21.10 20.58
CA ASP B 625 2.96 22.12 19.54
C ASP B 625 1.74 21.83 18.67
N GLY B 626 0.69 21.31 19.29
CA GLY B 626 -0.52 21.00 18.55
C GLY B 626 -0.42 19.84 17.58
N LYS B 627 0.69 19.12 17.57
CA LYS B 627 0.89 17.98 16.69
C LYS B 627 0.92 16.69 17.50
N ARG B 628 0.38 15.63 16.93
CA ARG B 628 0.32 14.33 17.60
C ARG B 628 1.68 13.64 17.48
N SER B 629 2.34 13.47 18.62
CA SER B 629 3.63 12.78 18.66
C SER B 629 3.39 11.29 18.80
N GLY B 630 4.40 10.54 19.26
CA GLY B 630 4.27 9.11 19.40
C GLY B 630 3.42 8.72 20.60
N LEU B 631 3.30 7.41 20.79
CA LEU B 631 2.57 6.89 21.94
C LEU B 631 3.25 7.28 23.24
N TRP B 632 2.46 7.39 24.29
CA TRP B 632 2.98 7.71 25.60
C TRP B 632 3.84 6.54 26.11
N PRO B 633 5.10 6.75 26.46
CA PRO B 633 5.95 5.63 26.88
C PRO B 633 5.46 4.92 28.13
N GLY B 634 4.68 5.60 28.99
CA GLY B 634 4.18 4.99 30.20
C GLY B 634 3.04 4.00 30.04
N LEU B 635 2.62 3.74 28.79
CA LEU B 635 1.49 2.83 28.58
C LEU B 635 1.88 1.39 28.86
N ARG B 636 3.10 0.99 28.48
CA ARG B 636 3.49 -0.41 28.61
C ARG B 636 3.55 -0.84 30.06
N GLU B 637 4.11 0.00 30.93
CA GLU B 637 4.17 -0.34 32.35
C GLU B 637 2.83 -0.16 33.06
N THR B 638 1.95 0.70 32.53
CA THR B 638 0.69 0.95 33.21
C THR B 638 -0.29 -0.19 33.03
N PHE B 639 -0.39 -0.72 31.81
CA PHE B 639 -1.36 -1.77 31.50
C PHE B 639 -0.70 -3.12 31.23
N LYS B 640 0.58 -3.29 31.59
CA LYS B 640 1.30 -4.55 31.38
C LYS B 640 1.25 -4.98 29.92
N SER B 641 1.36 -4.01 29.00
CA SER B 641 1.25 -4.30 27.59
C SER B 641 2.41 -5.18 27.14
N GLY B 642 2.09 -6.25 26.42
CA GLY B 642 3.05 -7.26 26.01
C GLY B 642 2.82 -8.62 26.65
N SER B 643 2.20 -8.65 27.83
CA SER B 643 1.89 -9.90 28.50
C SER B 643 0.72 -10.64 27.85
N SER B 644 0.12 -10.08 26.81
CA SER B 644 -0.95 -10.74 26.06
C SER B 644 -0.67 -10.52 24.58
N GLN B 645 -0.37 -11.59 23.85
CA GLN B 645 0.00 -11.52 22.44
C GLN B 645 -0.93 -12.42 21.64
N PRO B 646 -2.17 -12.00 21.41
CA PRO B 646 -3.06 -12.76 20.53
C PRO B 646 -2.72 -12.49 19.08
N PRO B 647 -3.17 -13.34 18.15
CA PRO B 647 -2.91 -13.08 16.74
C PRO B 647 -3.49 -11.74 16.31
N LEU B 648 -2.81 -11.10 15.35
CA LEU B 648 -3.29 -9.82 14.84
C LEU B 648 -4.64 -9.95 14.17
N GLN B 649 -4.90 -11.10 13.52
CA GLN B 649 -6.20 -11.32 12.91
C GLN B 649 -7.31 -11.40 13.95
N ASP B 650 -7.00 -11.90 15.15
CA ASP B 650 -7.98 -11.88 16.23
C ASP B 650 -8.30 -10.45 16.66
N MET B 651 -7.29 -9.58 16.68
CA MET B 651 -7.53 -8.18 17.02
C MET B 651 -8.37 -7.51 15.94
N ILE B 652 -8.08 -7.80 14.66
CA ILE B 652 -8.84 -7.20 13.57
C ILE B 652 -10.29 -7.67 13.61
N ASP B 653 -10.49 -8.98 13.81
CA ASP B 653 -11.85 -9.51 13.86
C ASP B 653 -12.62 -9.00 15.06
N ARG B 654 -11.92 -8.77 16.19
CA ARG B 654 -12.62 -8.28 17.38
C ARG B 654 -13.23 -6.91 17.14
N MET B 655 -12.49 -6.03 16.46
CA MET B 655 -13.02 -4.69 16.22
C MET B 655 -14.06 -4.68 15.11
N LEU B 656 -13.99 -5.64 14.19
CA LEU B 656 -14.96 -5.70 13.11
C LEU B 656 -16.22 -6.44 13.52
N PHE B 657 -16.07 -7.55 14.24
CA PHE B 657 -17.24 -8.33 14.66
C PHE B 657 -18.06 -7.57 15.70
N ALA B 658 -17.40 -6.87 16.62
CA ALA B 658 -18.12 -6.11 17.63
C ALA B 658 -19.04 -5.08 16.99
N GLU B 659 -18.56 -4.38 15.97
CA GLU B 659 -19.42 -3.44 15.26
C GLU B 659 -20.48 -4.15 14.45
N ALA B 660 -20.12 -5.27 13.79
CA ALA B 660 -21.10 -5.99 13.00
C ALA B 660 -22.21 -6.57 13.87
N LEU B 661 -21.84 -7.13 15.02
CA LEU B 661 -22.86 -7.67 15.93
C LEU B 661 -23.73 -6.56 16.49
N GLU B 662 -23.15 -5.38 16.77
CA GLU B 662 -23.93 -4.29 17.34
C GLU B 662 -24.91 -3.72 16.33
N THR B 663 -24.49 -3.59 15.07
CA THR B 663 -25.41 -3.11 14.03
C THR B 663 -26.55 -4.09 13.81
N GLN B 664 -26.29 -5.39 13.99
CA GLN B 664 -27.37 -6.37 13.91
C GLN B 664 -28.38 -6.15 15.03
N LYS B 665 -27.89 -5.80 16.22
CA LYS B 665 -28.81 -5.49 17.32
C LYS B 665 -29.63 -4.25 17.01
N CYS B 666 -29.01 -3.24 16.39
CA CYS B 666 -29.77 -2.05 15.99
C CYS B 666 -30.83 -2.40 14.96
N LEU B 667 -30.56 -3.39 14.09
CA LEU B 667 -31.58 -3.86 13.16
C LEU B 667 -32.69 -4.62 13.88
N ASP B 668 -32.34 -5.34 14.94
CA ASP B 668 -33.36 -6.06 15.71
C ASP B 668 -34.20 -5.11 16.55
N GLU B 669 -33.55 -4.17 17.24
CA GLU B 669 -34.27 -3.23 18.09
C GLU B 669 -35.11 -2.24 17.31
N GLY B 670 -34.89 -2.13 16.01
CA GLY B 670 -35.64 -1.21 15.18
C GLY B 670 -35.03 0.16 15.02
N VAL B 671 -33.76 0.34 15.40
CA VAL B 671 -33.10 1.63 15.21
C VAL B 671 -32.98 1.94 13.72
N LEU B 672 -32.53 0.97 12.94
CA LEU B 672 -32.43 1.10 11.50
C LEU B 672 -33.59 0.40 10.82
N THR B 673 -34.05 0.97 9.71
CA THR B 673 -35.17 0.41 8.95
C THR B 673 -34.73 -0.47 7.80
N SER B 674 -33.63 -0.13 7.14
CA SER B 674 -33.15 -0.89 5.99
C SER B 674 -31.68 -1.23 6.16
N THR B 675 -31.26 -2.34 5.55
CA THR B 675 -29.86 -2.73 5.59
C THR B 675 -28.97 -1.79 4.78
N ALA B 676 -29.56 -1.01 3.86
CA ALA B 676 -28.77 -0.05 3.10
C ALA B 676 -28.26 1.09 3.98
N ASP B 677 -29.12 1.58 4.89
CA ASP B 677 -28.68 2.62 5.81
C ASP B 677 -27.63 2.10 6.79
N ALA B 678 -27.70 0.82 7.15
CA ALA B 678 -26.68 0.22 8.00
C ALA B 678 -25.33 0.20 7.29
N ASN B 679 -25.31 -0.21 6.03
CA ASN B 679 -24.06 -0.29 5.28
C ASN B 679 -23.50 1.10 5.00
N ILE B 680 -24.33 2.00 4.46
CA ILE B 680 -23.85 3.33 4.13
C ILE B 680 -23.58 4.14 5.40
N GLY B 681 -24.43 3.99 6.41
CA GLY B 681 -24.21 4.69 7.66
C GLY B 681 -22.92 4.29 8.35
N SER B 682 -22.53 3.01 8.22
CA SER B 682 -21.28 2.58 8.82
C SER B 682 -20.07 3.05 8.02
N ILE B 683 -20.21 3.16 6.69
CA ILE B 683 -19.09 3.57 5.86
C ILE B 683 -18.81 5.07 6.02
N MET B 684 -19.85 5.89 5.85
CA MET B 684 -19.68 7.32 5.74
C MET B 684 -19.80 8.06 7.08
N GLY B 685 -20.07 7.34 8.17
CA GLY B 685 -20.19 7.99 9.46
C GLY B 685 -19.31 7.37 10.53
N ILE B 686 -19.02 6.08 10.39
CA ILE B 686 -18.20 5.36 11.35
C ILE B 686 -16.77 5.17 10.87
N GLY B 687 -16.53 5.26 9.56
CA GLY B 687 -15.25 4.85 9.04
C GLY B 687 -15.10 3.36 8.93
N PHE B 688 -16.20 2.62 8.88
CA PHE B 688 -16.12 1.19 8.68
C PHE B 688 -15.42 0.90 7.36
N PRO B 689 -14.61 -0.15 7.28
CA PRO B 689 -13.77 -0.37 6.09
C PRO B 689 -14.61 -0.51 4.83
N PRO B 690 -14.30 0.28 3.80
CA PRO B 690 -15.10 0.21 2.56
C PRO B 690 -15.07 -1.15 1.90
N TRP B 691 -14.00 -1.92 2.06
CA TRP B 691 -13.93 -3.23 1.42
C TRP B 691 -14.98 -4.20 1.97
N THR B 692 -15.45 -3.97 3.20
CA THR B 692 -16.50 -4.82 3.75
C THR B 692 -17.87 -4.52 3.15
N GLY B 693 -18.05 -3.34 2.58
CA GLY B 693 -19.35 -2.96 2.06
C GLY B 693 -20.36 -2.58 3.11
N GLY B 694 -19.91 -2.26 4.32
CA GLY B 694 -20.79 -1.93 5.42
C GLY B 694 -20.79 -3.00 6.50
N SER B 695 -21.22 -2.61 7.69
CA SER B 695 -21.23 -3.52 8.83
C SER B 695 -22.33 -4.57 8.74
N ALA B 696 -23.36 -4.32 7.94
CA ALA B 696 -24.36 -5.36 7.67
C ALA B 696 -23.94 -6.27 6.54
N GLN B 697 -23.34 -5.72 5.48
CA GLN B 697 -22.79 -6.56 4.42
C GLN B 697 -21.64 -7.41 4.92
N PHE B 698 -20.98 -6.97 6.00
CA PHE B 698 -19.87 -7.74 6.56
C PHE B 698 -20.32 -9.11 7.03
N ILE B 699 -21.56 -9.23 7.50
CA ILE B 699 -22.06 -10.51 7.99
C ILE B 699 -22.34 -11.44 6.83
N VAL B 700 -23.06 -10.96 5.81
CA VAL B 700 -23.39 -11.81 4.67
C VAL B 700 -22.21 -12.03 3.75
N GLY B 701 -21.21 -11.15 3.77
CA GLY B 701 -20.06 -11.30 2.89
C GLY B 701 -18.78 -11.58 3.64
N TYR B 702 -18.88 -12.13 4.84
CA TYR B 702 -17.70 -12.47 5.61
C TYR B 702 -16.92 -13.58 4.90
N SER B 703 -15.60 -13.46 4.91
CA SER B 703 -14.71 -14.44 4.29
C SER B 703 -13.54 -14.68 5.24
N GLY B 704 -13.50 -15.85 5.86
CA GLY B 704 -12.43 -16.19 6.77
C GLY B 704 -12.04 -17.65 6.66
N PRO B 705 -11.21 -18.12 7.60
CA PRO B 705 -10.79 -19.53 7.57
C PRO B 705 -11.93 -20.51 7.72
N ALA B 706 -13.02 -20.12 8.39
CA ALA B 706 -14.14 -21.03 8.58
C ALA B 706 -14.98 -21.20 7.33
N GLY B 707 -15.00 -20.19 6.46
CA GLY B 707 -15.79 -20.27 5.24
C GLY B 707 -16.19 -18.88 4.75
N THR B 708 -17.36 -18.81 4.12
CA THR B 708 -17.86 -17.57 3.55
C THR B 708 -19.36 -17.49 3.78
N GLY B 709 -19.83 -16.34 4.25
CA GLY B 709 -21.24 -16.08 4.43
C GLY B 709 -21.62 -16.00 5.89
N LYS B 710 -22.93 -15.95 6.12
CA LYS B 710 -23.46 -15.85 7.48
C LYS B 710 -23.09 -17.07 8.32
N ALA B 711 -22.94 -18.24 7.67
CA ALA B 711 -22.59 -19.45 8.41
C ALA B 711 -21.22 -19.33 9.04
N ALA B 712 -20.23 -18.86 8.27
CA ALA B 712 -18.89 -18.71 8.82
C ALA B 712 -18.80 -17.54 9.79
N PHE B 713 -19.66 -16.54 9.64
CA PHE B 713 -19.64 -15.40 10.54
C PHE B 713 -20.00 -15.83 11.97
N VAL B 714 -21.13 -16.52 12.12
CA VAL B 714 -21.53 -17.00 13.44
C VAL B 714 -20.59 -18.09 13.94
N ALA B 715 -19.92 -18.80 13.04
CA ALA B 715 -18.91 -19.77 13.47
C ALA B 715 -17.68 -19.06 14.01
N ARG B 716 -17.23 -18.02 13.33
CA ARG B 716 -16.11 -17.23 13.83
C ARG B 716 -16.52 -16.39 15.04
N ALA B 717 -17.78 -15.96 15.11
CA ALA B 717 -18.25 -15.22 16.27
C ALA B 717 -18.23 -16.08 17.52
N ARG B 718 -18.66 -17.34 17.41
CA ARG B 718 -18.60 -18.25 18.55
C ARG B 718 -17.16 -18.52 18.95
N GLU B 719 -16.25 -18.61 17.97
CA GLU B 719 -14.84 -18.80 18.29
C GLU B 719 -14.27 -17.59 19.00
N LEU B 720 -14.62 -16.39 18.54
CA LEU B 720 -14.21 -15.18 19.25
C LEU B 720 -14.85 -15.11 20.63
N ALA B 721 -16.09 -15.58 20.75
CA ALA B 721 -16.77 -15.54 22.05
C ALA B 721 -16.22 -16.58 23.01
N ALA B 722 -15.82 -17.75 22.49
CA ALA B 722 -15.28 -18.80 23.36
C ALA B 722 -13.92 -18.43 23.93
N ALA B 723 -13.24 -17.43 23.36
CA ALA B 723 -11.90 -17.07 23.79
C ALA B 723 -11.78 -15.64 24.32
N TYR B 724 -12.71 -14.75 24.00
CA TYR B 724 -12.57 -13.34 24.36
C TYR B 724 -13.79 -12.78 25.09
N GLY B 725 -14.79 -13.61 25.40
CA GLY B 725 -15.95 -13.13 26.12
C GLY B 725 -17.25 -13.33 25.38
N ASP B 726 -18.33 -13.56 26.12
CA ASP B 726 -19.62 -13.90 25.52
C ASP B 726 -20.31 -12.72 24.84
N ARG B 727 -19.69 -11.53 24.81
CA ARG B 727 -20.27 -10.43 24.06
C ARG B 727 -20.19 -10.63 22.56
N PHE B 728 -19.39 -11.59 22.09
CA PHE B 728 -19.27 -11.88 20.67
C PHE B 728 -20.21 -12.98 20.19
N LEU B 729 -21.03 -13.53 21.09
CA LEU B 729 -22.01 -14.52 20.66
C LEU B 729 -23.05 -13.87 19.75
N PRO B 730 -23.40 -14.52 18.63
CA PRO B 730 -24.28 -13.86 17.67
C PRO B 730 -25.69 -13.75 18.22
N PRO B 731 -26.43 -12.72 17.81
CA PRO B 731 -27.83 -12.60 18.26
C PRO B 731 -28.69 -13.70 17.69
N GLU B 732 -29.92 -13.79 18.22
CA GLU B 732 -30.84 -14.82 17.76
C GLU B 732 -31.30 -14.57 16.32
N SER B 733 -31.28 -13.31 15.88
CA SER B 733 -31.70 -12.98 14.52
C SER B 733 -30.84 -13.63 13.46
N LEU B 734 -29.68 -14.16 13.82
CA LEU B 734 -28.83 -14.91 12.90
C LEU B 734 -29.13 -16.39 13.08
N LEU B 735 -29.77 -16.99 12.07
CA LEU B 735 -30.14 -18.39 12.11
C LEU B 735 -28.93 -19.26 12.41
N SER B 736 -29.02 -20.04 13.49
CA SER B 736 -27.85 -20.70 14.05
C SER B 736 -27.89 -22.21 13.89
N1A COA C . 34.44 7.32 9.19
C2A COA C . 34.14 8.56 8.81
N3A COA C . 33.36 8.97 7.80
C4A COA C . 32.85 7.92 7.14
C5A COA C . 33.06 6.58 7.43
C6A COA C . 33.90 6.28 8.51
N6A COA C . 34.20 5.03 8.88
N7A COA C . 32.36 5.79 6.52
C8A COA C . 31.74 6.63 5.74
N9A COA C . 32.00 7.94 6.07
C1B COA C . 31.49 9.13 5.39
C2B COA C . 32.14 9.38 4.04
O2B COA C . 33.40 10.01 4.13
C3B COA C . 31.07 10.20 3.32
O3B COA C . 31.22 11.58 3.64
P3B COA C . 31.34 12.39 2.25
O7A COA C . 31.50 13.87 2.61
O8A COA C . 32.56 11.85 1.54
O9A COA C . 30.07 12.14 1.48
C4B COA C . 29.76 9.66 3.92
O4B COA C . 30.13 8.92 5.11
C5B COA C . 28.98 8.74 3.02
O5B COA C . 29.62 7.45 2.98
P1A COA C . 30.41 6.98 1.66
O1A COA C . 31.65 6.25 2.06
O2A COA C . 30.54 8.14 0.72
O3A COA C . 29.39 5.92 1.05
P2A COA C . 27.90 6.01 0.43
O4A COA C . 27.38 7.40 0.60
O5A COA C . 27.90 5.41 -0.93
O6A COA C . 27.07 5.04 1.41
CBP COA C . 26.44 2.95 2.45
CCP COA C . 27.37 3.61 1.42
CDP COA C . 27.29 2.09 3.40
CEP COA C . 25.76 4.04 3.28
CAP COA C . 25.37 2.08 1.79
OAP COA C . 24.81 2.73 0.66
C9P COA C . 25.83 0.68 1.42
O9P COA C . 26.82 0.51 0.73
N8P COA C . 25.08 -0.34 1.85
C7P COA C . 25.42 -1.74 1.65
C6P COA C . 24.51 -2.42 0.64
C5P COA C . 24.44 -3.92 0.85
O5P COA C . 24.86 -4.42 1.90
N4P COA C . 23.92 -4.67 -0.12
C3P COA C . 23.65 -6.08 0.02
C2P COA C . 22.27 -6.47 -0.44
S1P COA C . 22.20 -6.90 -2.19
C1 GOL D . 15.51 -6.73 -5.78
O1 GOL D . 15.40 -8.09 -6.09
C2 GOL D . 15.64 -5.95 -7.14
O2 GOL D . 14.48 -6.05 -7.90
C3 GOL D . 15.96 -4.49 -6.74
O3 GOL D . 16.07 -3.76 -7.93
S SO4 E . 19.61 6.12 19.77
O1 SO4 E . 20.77 6.18 20.66
O2 SO4 E . 19.18 7.48 19.43
O3 SO4 E . 19.96 5.41 18.55
O4 SO4 E . 18.53 5.42 20.45
S SO4 F . 37.56 -7.45 21.12
O1 SO4 F . 37.76 -7.39 22.56
O2 SO4 F . 38.85 -7.34 20.45
O3 SO4 F . 36.71 -6.34 20.70
O4 SO4 F . 36.94 -8.71 20.77
S SO4 G . 47.64 -30.21 15.67
O1 SO4 G . 47.61 -31.49 16.37
O2 SO4 G . 48.27 -29.21 16.52
O3 SO4 G . 48.40 -30.36 14.44
O4 SO4 G . 46.27 -29.81 15.35
S SO4 H . 53.02 -10.64 -5.92
O1 SO4 H . 52.37 -11.53 -4.96
O2 SO4 H . 53.39 -9.39 -5.24
O3 SO4 H . 54.22 -11.27 -6.46
O4 SO4 H . 52.09 -10.34 -7.01
S SO4 I . 55.42 -3.37 -6.97
O1 SO4 I . 56.45 -3.61 -5.96
O2 SO4 I . 55.20 -1.94 -7.12
O3 SO4 I . 55.85 -3.93 -8.26
O4 SO4 I . 54.18 -4.02 -6.55
C1 GOL J . -18.72 -11.18 29.34
O1 GOL J . -17.94 -12.34 29.30
C2 GOL J . -18.21 -10.28 28.18
O2 GOL J . -18.40 -10.87 26.95
C3 GOL J . -18.99 -8.96 28.34
O3 GOL J . -18.17 -7.95 27.81
S SO4 K . -11.41 -11.21 -2.99
O1 SO4 K . -10.33 -10.81 -2.09
O2 SO4 K . -11.99 -10.03 -3.62
O3 SO4 K . -10.87 -12.10 -4.02
O4 SO4 K . -12.43 -11.92 -2.23
S SO4 L . 6.81 -7.81 -26.72
O1 SO4 L . 7.90 -8.61 -26.17
O2 SO4 L . 6.95 -6.43 -26.28
O3 SO4 L . 6.87 -7.87 -28.18
O4 SO4 L . 5.53 -8.35 -26.26
S SO4 M . 0.94 -12.47 14.37
O1 SO4 M . 2.32 -12.36 14.86
O2 SO4 M . 0.07 -12.85 15.48
O3 SO4 M . 0.88 -13.49 13.33
O4 SO4 M . 0.52 -11.18 13.84
S SO4 N . -22.67 -17.04 -28.10
O1 SO4 N . -21.57 -16.53 -27.29
O2 SO4 N . -23.84 -17.25 -27.24
O3 SO4 N . -22.27 -18.31 -28.70
O4 SO4 N . -22.99 -16.08 -29.15
S SO4 O . 2.39 4.91 -5.81
O1 SO4 O . 2.90 4.05 -4.75
O2 SO4 O . 2.67 6.32 -5.47
O3 SO4 O . 3.04 4.53 -7.07
O4 SO4 O . 0.96 4.68 -5.92
#